data_9FMV
#
_entry.id   9FMV
#
_cell.length_a   1.00
_cell.length_b   1.00
_cell.length_c   1.00
_cell.angle_alpha   90.00
_cell.angle_beta   90.00
_cell.angle_gamma   90.00
#
_symmetry.space_group_name_H-M   'P 1'
#
loop_
_entity.id
_entity.type
_entity.pdbx_description
1 polymer 'Cellulose synthase catalytic subunit [UDP-forming]'
2 polymer 'Cellulose biosynthesis protein BcsG'
3 polymer 'Cyclic di-GMP-binding protein'
#
loop_
_entity_poly.entity_id
_entity_poly.type
_entity_poly.pdbx_seq_one_letter_code
_entity_poly.pdbx_strand_id
1 'polypeptide(L)'
;MSILTRWLLIPPVNARLIGRYRDYRRHGASAFSATLGCFWMILAWIFIPLEHPRWQRIRAEHKNLYPHINASRPRPLDPV
RYLIQTCWLLIGASRKETPKPRRRAFSGLQNIRGRYHQWMNELPERVSHKTQHLDEKKELGHLSAGARRLILGIIVTFSL
ILALICVTQPFNPLAQFIFLMLLWGVALIVRRMPGRFSALMLIVLSLTVSCRYIWWRYTSTLNWDDPVSLVCGLILLFAE
TYAWIVLVLGYFQVVWPLNRQPVPLPKDMSLWPSVDIFVPTYNEDLNVVKNTIYASLGIDWPKDKLNIWILDDGGREEFR
QFAQNVGVKYIARTTHEHAKAGNINNALKYAKGEFVSIFDCDHVPTRSFLQMTMGWFLKEKQLAMMQTPHHFFSPDPFER
NLGRFRKTPNEGTLFYGLVQDGNDMWDATFFCGSCAVIRRKPLDEIGGIAVETVTEDAHTSLRLHRRGYTSAYMRIPQAA
GLATESLSAHIGQRIRWARGMVQIFRLDNPLTGKGLKFAQRLCYVNAMFHFLSGIPRLIFLTAPLAFLLLHAYIIYAPAL
MIALFVLPHMIHASLTNSKIQGKYRHSFWSEIYETVLAWYIAPPTLVALINPHKGKFNVTAKGGLVEEEYVDWVISRPYI
FLVLLNLVGVAVGIWRYFYGPPTEMLTVVVSMVWVFYNLIVLGGAVAVSVESKQVRRSHRVEMTMPAAIAREDGHLFSCT
VQDFSDGGLGIKINGQAQILEGQKVNLLLKRGQQEYVFPTQVARVMGNEVGLKLMPLTTQQHIDFVQCTFARADTWALWQ
DSYPEDKPLESLLDILKLGFRGYRHLAEFAPSSVKGIFRVLTSLVSWVVSFIPRRPERSETAQPSDQALAQQGSARSSGR
TGLEFEEFYPYDVPDYAADYKDDDDKRS
;
A
2 'polypeptide(L)'
;MTQFTQNTAMPSSLWQYWRGLSGWNFYFLVKFGLLWAGYLNFHPLLNLVFAAFLLMPLPRYSLHRLRHWIALPIGFALFW
HDTWLPGPESIMSQGSQVAGFSTDYLIDLVTRFINWQMIGAIFVLLVAWLFLSQWIRITVFVVAILLWLNVLTLAGPSFS
LWPAGQPTTTVTTTGGNAAATVAATGGAPVVGDMPAQTAPPTTANLNAWLNNFYNAEAKRKSTFPSSLPADAQPFELLVI
NICSLSWSDIEAAGLMSHPLWSHFDIEFKNFNSATSYSGPAAIRLLRASCGQTSHTNLYQPANNDCYLFDNLSKLGFTQH
LMMGHNGQFGGFLKEVRENGGMQSELMDQTNLPVILLGFDGSPVYDDTAVLNRWLDVTEKDKNSRSATFYNTLPLHDGNH
YPGVSKTADYKARAQKFFDELDAFFTELEKSGRKVMVVVVPEHGGALKGDRMQVSGLRDIPSPSITDVPVGVKFFGMKAP
HQGAPIVIEQPSSFLAISDLVVRVLDGKIFTEDNVDWKKLTSGLHKQHRSPRTQMQ
;
B,C,D
3 'polypeptide(L)'
;TPATQPLINAEPAVAAQTEQNPQVGQVMPGVQGADAPVVAQNGPSRDVKLTFAQIAPPPGSMVLRGINPNGSIEFGMRSD
EVVTKAMLNLEYTPSPSLLPVQSQLKVYLNDELMGVLPVTKEQLGKKTLAQMPINPLFITDFNRVRLEFVGHYQDVCENP
ASTTLWLDVGRSSGLDLTYQTLNVKNDLSHFPVPFFDPRDNRTNTLPMVFAGAPDVGLQQASAIVASWFGSRSGWRGQNF
PVLYNQLPDRNAIVFATNDKRPDFLRDHPAVKAPVIEMINHPQNPYVKLLVVFGRDDKDLLQAAKGIAQGNILFRGESVV
VNEVKPLLPRKPYDAPNWVRTDRPVTFGELKTYEEQLQSSGLEPAAINVSLNLPPDLYLMRSTGIDMDINYRYTMPPVKD
SSRMDISLNNQFLQSFNLSSKQEANRLLLRIPVLQGLLDGKTDVSIPALKLGATNQLRFDFEYMNPMPGGSVDNCITFQP
VQNHVVIGDDSTIDFSKYYHFIPMPDLRAFANAGFPFSRMADLSQTITVMPKAPNEAQMETLLNTVGFIGAQTGFPAINL
TVTDDGSTIQGKDADIMIIGGIPDKLKDDKQIDLLVQATESWVKTPMRQTPFPGIVPDESDRAAETRSTLTSSGAMAAVI
GFQSPYNDQRSVIALLADSPRGYEMLNDAVNDSGKRATMFGSVAVIRESGINSLRVGDVYYVGHLPWFERLWYALANHPI
LLAVLAAISVILLAWVLWRLLRIISRRRLNPDNE
;
E
#
# COMPACT_ATOMS: atom_id res chain seq x y z
N MET A 1 6.01 -42.92 -11.99
CA MET A 1 6.22 -44.25 -11.41
C MET A 1 7.57 -44.33 -10.71
N SER A 2 7.61 -45.07 -9.60
CA SER A 2 8.86 -45.24 -8.86
C SER A 2 9.88 -46.05 -9.65
N ILE A 3 9.41 -46.97 -10.51
CA ILE A 3 10.33 -47.83 -11.26
C ILE A 3 11.16 -47.00 -12.24
N LEU A 4 10.53 -46.04 -12.92
CA LEU A 4 11.24 -45.24 -13.90
C LEU A 4 12.36 -44.44 -13.26
N THR A 5 12.06 -43.74 -12.17
CA THR A 5 13.10 -42.95 -11.49
C THR A 5 14.13 -43.86 -10.84
N ARG A 6 13.70 -45.03 -10.36
CA ARG A 6 14.64 -45.96 -9.75
C ARG A 6 15.66 -46.47 -10.76
N TRP A 7 15.22 -46.77 -11.98
CA TRP A 7 16.16 -47.21 -13.00
C TRP A 7 16.99 -46.06 -13.54
N LEU A 8 16.36 -44.90 -13.74
CA LEU A 8 17.05 -43.75 -14.33
C LEU A 8 18.02 -43.11 -13.34
N LEU A 9 17.59 -42.92 -12.11
CA LEU A 9 18.33 -42.10 -11.15
C LEU A 9 18.99 -42.97 -10.08
N ILE A 10 20.08 -42.44 -9.53
CA ILE A 10 20.84 -43.09 -8.46
C ILE A 10 19.97 -43.08 -7.21
N PRO A 11 20.07 -44.09 -6.33
CA PRO A 11 19.13 -44.22 -5.21
C PRO A 11 19.06 -42.99 -4.32
N PRO A 12 20.17 -42.30 -4.02
CA PRO A 12 20.03 -41.09 -3.17
C PRO A 12 19.13 -40.02 -3.77
N VAL A 13 19.37 -39.64 -5.03
CA VAL A 13 18.57 -38.59 -5.64
C VAL A 13 17.14 -39.08 -5.86
N ASN A 14 16.96 -40.37 -6.16
CA ASN A 14 15.62 -40.92 -6.30
C ASN A 14 14.86 -40.82 -4.99
N ALA A 15 15.53 -41.14 -3.88
CA ALA A 15 14.89 -41.07 -2.57
C ALA A 15 14.53 -39.63 -2.22
N ARG A 16 15.44 -38.68 -2.50
CA ARG A 16 15.12 -37.28 -2.21
C ARG A 16 13.93 -36.79 -3.04
N LEU A 17 13.90 -37.14 -4.33
CA LEU A 17 12.79 -36.74 -5.17
C LEU A 17 11.48 -37.36 -4.71
N ILE A 18 11.50 -38.63 -4.33
CA ILE A 18 10.29 -39.29 -3.84
C ILE A 18 9.84 -38.64 -2.54
N GLY A 19 10.78 -38.32 -1.66
CA GLY A 19 10.41 -37.66 -0.42
C GLY A 19 9.75 -36.31 -0.67
N ARG A 20 10.31 -35.51 -1.58
CA ARG A 20 9.71 -34.23 -1.91
C ARG A 20 8.31 -34.42 -2.51
N TYR A 21 8.16 -35.39 -3.42
CA TYR A 21 6.86 -35.63 -4.04
C TYR A 21 5.82 -36.04 -3.01
N ARG A 22 6.20 -36.94 -2.10
CA ARG A 22 5.25 -37.39 -1.08
C ARG A 22 4.91 -36.26 -0.12
N ASP A 23 5.90 -35.43 0.22
CA ASP A 23 5.65 -34.29 1.09
C ASP A 23 4.67 -33.31 0.44
N TYR A 24 4.80 -33.10 -0.87
CA TYR A 24 3.83 -32.27 -1.56
C TYR A 24 2.46 -32.93 -1.62
N ARG A 25 2.43 -34.26 -1.76
CA ARG A 25 1.15 -34.96 -1.90
C ARG A 25 0.36 -34.96 -0.61
N ARG A 26 1.03 -35.14 0.54
CA ARG A 26 0.30 -35.24 1.80
C ARG A 26 -0.45 -33.94 2.13
N HIS A 27 0.06 -32.81 1.67
CA HIS A 27 -0.53 -31.52 1.98
C HIS A 27 -1.67 -31.13 1.06
N GLY A 28 -2.28 -32.09 0.37
CA GLY A 28 -3.45 -31.83 -0.42
C GLY A 28 -3.20 -31.44 -1.87
N ALA A 29 -1.98 -31.57 -2.35
CA ALA A 29 -1.69 -31.25 -3.74
C ALA A 29 -1.92 -32.47 -4.63
N SER A 30 -2.47 -32.24 -5.81
CA SER A 30 -2.70 -33.32 -6.76
C SER A 30 -1.38 -33.81 -7.33
N ALA A 31 -1.43 -34.98 -7.97
CA ALA A 31 -0.22 -35.57 -8.55
C ALA A 31 0.36 -34.68 -9.63
N PHE A 32 -0.48 -34.14 -10.51
CA PHE A 32 0.00 -33.24 -11.55
C PHE A 32 0.65 -32.00 -10.93
N SER A 33 -0.01 -31.41 -9.94
CA SER A 33 0.56 -30.24 -9.27
C SER A 33 1.87 -30.60 -8.57
N ALA A 34 1.92 -31.78 -7.95
CA ALA A 34 3.15 -32.19 -7.28
C ALA A 34 4.30 -32.35 -8.26
N THR A 35 4.05 -33.01 -9.40
CA THR A 35 5.11 -33.22 -10.39
C THR A 35 5.58 -31.88 -10.96
N LEU A 36 4.63 -30.98 -11.25
CA LEU A 36 5.02 -29.65 -11.71
C LEU A 36 5.85 -28.94 -10.66
N GLY A 37 5.50 -29.12 -9.39
CA GLY A 37 6.26 -28.49 -8.32
C GLY A 37 7.69 -28.99 -8.24
N CYS A 38 7.88 -30.30 -8.34
CA CYS A 38 9.24 -30.84 -8.33
C CYS A 38 10.02 -30.36 -9.54
N PHE A 39 9.37 -30.28 -10.71
CA PHE A 39 10.06 -29.77 -11.90
C PHE A 39 10.52 -28.33 -11.69
N TRP A 40 9.64 -27.48 -11.18
CA TRP A 40 10.01 -26.09 -10.96
C TRP A 40 11.09 -25.98 -9.89
N MET A 41 11.02 -26.82 -8.85
CA MET A 41 12.02 -26.74 -7.79
C MET A 41 13.40 -27.16 -8.29
N ILE A 42 13.47 -28.21 -9.11
CA ILE A 42 14.77 -28.62 -9.62
C ILE A 42 15.31 -27.58 -10.60
N LEU A 43 14.42 -26.94 -11.37
CA LEU A 43 14.87 -25.84 -12.21
C LEU A 43 15.42 -24.68 -11.38
N ALA A 44 14.75 -24.36 -10.28
CA ALA A 44 15.23 -23.29 -9.41
C ALA A 44 16.58 -23.63 -8.82
N TRP A 45 16.78 -24.89 -8.41
CA TRP A 45 18.05 -25.30 -7.86
C TRP A 45 19.16 -25.28 -8.90
N ILE A 46 18.85 -25.60 -10.16
CA ILE A 46 19.88 -25.63 -11.18
C ILE A 46 20.23 -24.22 -11.65
N PHE A 47 19.28 -23.30 -11.62
CA PHE A 47 19.56 -21.94 -12.08
C PHE A 47 19.97 -21.01 -10.95
N ILE A 48 19.16 -20.91 -9.91
CA ILE A 48 19.37 -19.95 -8.82
C ILE A 48 20.21 -20.64 -7.74
N PRO A 49 21.30 -20.03 -7.28
CA PRO A 49 22.11 -20.65 -6.22
C PRO A 49 21.41 -20.60 -4.88
N LEU A 50 20.49 -21.54 -4.66
CA LEU A 50 19.70 -21.55 -3.42
C LEU A 50 20.52 -21.92 -2.20
N GLU A 51 21.76 -22.37 -2.36
CA GLU A 51 22.61 -22.68 -1.22
C GLU A 51 23.41 -21.49 -0.71
N HIS A 52 23.39 -20.37 -1.42
CA HIS A 52 24.11 -19.19 -0.97
C HIS A 52 23.49 -18.65 0.31
N PRO A 53 24.30 -18.12 1.23
CA PRO A 53 23.73 -17.58 2.49
C PRO A 53 22.63 -16.57 2.27
N ARG A 54 22.73 -15.74 1.23
CA ARG A 54 21.64 -14.85 0.89
C ARG A 54 20.36 -15.63 0.63
N TRP A 55 20.46 -16.73 -0.12
CA TRP A 55 19.26 -17.49 -0.43
C TRP A 55 18.80 -18.34 0.74
N GLN A 56 19.71 -18.77 1.63
CA GLN A 56 19.26 -19.40 2.86
C GLN A 56 18.44 -18.41 3.69
N ARG A 57 18.91 -17.17 3.79
CA ARG A 57 18.16 -16.15 4.53
C ARG A 57 16.85 -15.81 3.82
N ILE A 58 16.81 -15.95 2.50
CA ILE A 58 15.53 -15.77 1.81
C ILE A 58 14.57 -16.90 2.15
N ARG A 59 15.09 -18.13 2.18
CA ARG A 59 14.25 -19.30 2.41
C ARG A 59 13.69 -19.32 3.83
N ALA A 60 14.49 -18.91 4.81
CA ALA A 60 14.09 -19.06 6.21
C ALA A 60 12.84 -18.24 6.53
N GLU A 61 12.73 -17.03 5.96
CA GLU A 61 11.52 -16.21 6.07
C GLU A 61 10.67 -16.24 4.80
N HIS A 62 10.52 -17.43 4.20
CA HIS A 62 9.70 -17.55 3.00
C HIS A 62 8.26 -17.10 3.25
N LYS A 63 7.70 -17.43 4.41
CA LYS A 63 6.30 -17.13 4.68
C LYS A 63 6.04 -15.63 4.69
N ASN A 64 6.93 -14.86 5.30
CA ASN A 64 6.75 -13.41 5.32
C ASN A 64 7.01 -12.78 3.95
N LEU A 65 8.04 -13.25 3.25
CA LEU A 65 8.35 -12.68 1.94
C LEU A 65 7.42 -13.16 0.84
N TYR A 66 6.79 -14.32 1.00
CA TYR A 66 5.87 -14.86 0.00
C TYR A 66 4.60 -15.31 0.71
N PRO A 67 3.80 -14.36 1.21
CA PRO A 67 2.64 -14.73 2.03
C PRO A 67 1.59 -15.54 1.29
N HIS A 68 1.38 -15.31 0.00
CA HIS A 68 0.29 -15.96 -0.72
C HIS A 68 0.72 -17.23 -1.45
N ILE A 69 1.97 -17.65 -1.31
CA ILE A 69 2.47 -18.87 -1.91
C ILE A 69 2.78 -19.85 -0.79
N ASN A 70 2.16 -21.02 -0.85
CA ASN A 70 2.34 -22.05 0.17
C ASN A 70 3.51 -22.94 -0.25
N ALA A 71 4.59 -22.92 0.53
CA ALA A 71 5.78 -23.67 0.16
C ALA A 71 5.52 -25.17 0.17
N SER A 72 4.78 -25.65 1.15
CA SER A 72 4.53 -27.09 1.28
C SER A 72 3.44 -27.59 0.36
N ARG A 73 2.71 -26.71 -0.32
CA ARG A 73 1.60 -27.10 -1.19
C ARG A 73 1.76 -26.43 -2.56
N PRO A 74 2.34 -27.13 -3.52
CA PRO A 74 2.44 -26.57 -4.88
C PRO A 74 1.09 -26.53 -5.57
N ARG A 75 0.98 -25.61 -6.53
CA ARG A 75 -0.22 -25.38 -7.31
C ARG A 75 0.20 -24.79 -8.65
N PRO A 76 -0.45 -25.20 -9.75
CA PRO A 76 0.00 -24.77 -11.08
C PRO A 76 -0.04 -23.26 -11.22
N LEU A 77 0.91 -22.72 -11.98
CA LEU A 77 1.14 -21.29 -12.18
C LEU A 77 1.73 -20.65 -10.93
N ASP A 78 2.20 -21.44 -9.97
CA ASP A 78 2.97 -20.88 -8.86
C ASP A 78 4.24 -20.16 -9.32
N PRO A 79 4.98 -20.63 -10.33
CA PRO A 79 6.12 -19.82 -10.82
C PRO A 79 5.72 -18.44 -11.29
N VAL A 80 4.52 -18.27 -11.84
CA VAL A 80 4.05 -16.94 -12.20
C VAL A 80 3.96 -16.06 -10.96
N ARG A 81 3.40 -16.62 -9.88
CA ARG A 81 3.31 -15.86 -8.63
C ARG A 81 4.68 -15.54 -8.07
N TYR A 82 5.61 -16.50 -8.15
CA TYR A 82 6.97 -16.26 -7.68
C TYR A 82 7.63 -15.15 -8.48
N LEU A 83 7.49 -15.16 -9.80
CA LEU A 83 8.06 -14.12 -10.63
C LEU A 83 7.45 -12.77 -10.33
N ILE A 84 6.13 -12.72 -10.16
CA ILE A 84 5.46 -11.45 -9.87
C ILE A 84 5.94 -10.89 -8.53
N GLN A 85 6.01 -11.75 -7.52
CA GLN A 85 6.44 -11.27 -6.21
C GLN A 85 7.91 -10.87 -6.21
N THR A 86 8.75 -11.60 -6.94
CA THR A 86 10.16 -11.22 -7.04
C THR A 86 10.32 -9.89 -7.75
N CYS A 87 9.52 -9.65 -8.79
CA CYS A 87 9.54 -8.35 -9.44
C CYS A 87 9.11 -7.25 -8.48
N TRP A 88 8.10 -7.52 -7.65
CA TRP A 88 7.68 -6.53 -6.68
C TRP A 88 8.77 -6.24 -5.66
N LEU A 89 9.45 -7.29 -5.17
CA LEU A 89 10.56 -7.09 -4.26
C LEU A 89 11.69 -6.29 -4.92
N LEU A 90 11.94 -6.53 -6.21
CA LEU A 90 12.94 -5.74 -6.92
C LEU A 90 12.50 -4.28 -7.04
N ILE A 91 11.20 -4.04 -7.24
CA ILE A 91 10.72 -2.68 -7.43
C ILE A 91 10.38 -2.02 -6.11
N GLY A 92 9.68 -2.73 -5.23
CA GLY A 92 9.24 -2.14 -3.97
C GLY A 92 10.41 -1.78 -3.08
N ALA A 93 10.16 -0.89 -2.13
CA ALA A 93 11.20 -0.37 -1.24
C ALA A 93 11.15 -1.10 0.10
N SER A 94 12.33 -1.47 0.60
CA SER A 94 12.43 -2.16 1.88
C SER A 94 12.49 -1.17 3.03
N ALA A 105 21.49 8.58 11.51
CA ALA A 105 21.03 9.93 11.18
C ALA A 105 19.51 10.00 11.17
N PHE A 106 18.87 8.88 11.52
CA PHE A 106 17.41 8.85 11.58
C PHE A 106 16.86 9.81 12.62
N SER A 107 17.50 9.87 13.79
CA SER A 107 17.00 10.71 14.88
C SER A 107 16.98 12.18 14.48
N GLY A 108 18.05 12.67 13.86
CA GLY A 108 18.11 14.07 13.48
C GLY A 108 17.07 14.44 12.44
N LEU A 109 16.95 13.63 11.39
CA LEU A 109 15.96 13.91 10.35
C LEU A 109 14.53 13.85 10.90
N GLN A 110 14.23 12.82 11.69
CA GLN A 110 12.89 12.70 12.26
C GLN A 110 12.59 13.86 13.21
N ASN A 111 13.56 14.26 14.03
CA ASN A 111 13.35 15.37 14.95
C ASN A 111 13.13 16.67 14.19
N ILE A 112 13.92 16.92 13.14
CA ILE A 112 13.75 18.14 12.35
C ILE A 112 12.36 18.15 11.72
N ARG A 113 11.95 17.03 11.13
CA ARG A 113 10.64 16.95 10.49
C ARG A 113 9.50 17.17 11.49
N GLY A 114 9.58 16.49 12.64
CA GLY A 114 8.53 16.64 13.64
C GLY A 114 8.48 18.04 14.21
N ARG A 115 9.64 18.64 14.46
CA ARG A 115 9.68 20.03 14.92
C ARG A 115 9.11 20.95 13.85
N TYR A 116 9.28 20.61 12.58
CA TYR A 116 8.71 21.44 11.53
C TYR A 116 7.19 21.38 11.54
N HIS A 117 6.61 20.18 11.65
CA HIS A 117 5.15 20.13 11.77
C HIS A 117 4.69 20.84 13.04
N GLN A 118 5.42 20.71 14.14
CA GLN A 118 4.96 21.33 15.39
C GLN A 118 5.03 22.85 15.32
N TRP A 119 6.09 23.39 14.71
CA TRP A 119 6.16 24.83 14.47
C TRP A 119 5.02 25.30 13.59
N MET A 120 4.75 24.56 12.51
CA MET A 120 3.65 24.95 11.63
C MET A 120 2.31 24.86 12.35
N ASN A 121 2.19 23.93 13.32
CA ASN A 121 0.96 23.79 14.07
C ASN A 121 0.76 24.91 15.08
N GLU A 122 1.86 25.39 15.68
CA GLU A 122 1.79 26.52 16.59
C GLU A 122 1.79 27.87 15.87
N LEU A 123 1.98 27.87 14.55
CA LEU A 123 1.89 29.13 13.79
C LEU A 123 0.61 29.91 14.05
N PRO A 124 -0.59 29.31 14.09
CA PRO A 124 -1.79 30.12 14.38
C PRO A 124 -1.74 30.86 15.70
N GLU A 125 -1.19 30.25 16.76
CA GLU A 125 -1.11 30.93 18.05
C GLU A 125 -0.21 32.15 17.98
N ARG A 126 0.96 32.01 17.34
CA ARG A 126 1.86 33.14 17.19
C ARG A 126 1.23 34.24 16.35
N VAL A 127 0.56 33.87 15.27
CA VAL A 127 -0.10 34.87 14.43
C VAL A 127 -1.19 35.59 15.21
N SER A 128 -1.96 34.85 16.01
CA SER A 128 -3.01 35.45 16.80
C SER A 128 -2.43 36.42 17.84
N HIS A 129 -1.32 36.04 18.48
CA HIS A 129 -0.70 36.94 19.45
C HIS A 129 -0.20 38.22 18.78
N LYS A 130 0.45 38.08 17.62
CA LYS A 130 0.96 39.26 16.92
C LYS A 130 -0.17 40.15 16.45
N THR A 131 -1.29 39.57 16.02
CA THR A 131 -2.45 40.38 15.67
C THR A 131 -3.13 40.93 16.92
N GLN A 132 -2.89 40.32 18.07
CA GLN A 132 -3.46 40.83 19.31
C GLN A 132 -2.75 42.10 19.76
N HIS A 133 -1.42 42.14 19.68
CA HIS A 133 -0.74 43.36 20.10
C HIS A 133 -1.04 44.52 19.16
N LEU A 134 -1.24 44.24 17.87
CA LEU A 134 -1.87 45.20 16.96
C LEU A 134 -3.34 44.83 16.77
N ASP A 135 -4.11 45.08 17.83
CA ASP A 135 -5.47 44.55 17.92
C ASP A 135 -6.36 45.08 16.80
N GLU A 136 -6.27 46.38 16.51
CA GLU A 136 -7.08 47.02 15.49
C GLU A 136 -8.58 46.77 15.68
N LEU A 140 -11.60 45.00 8.95
CA LEU A 140 -11.33 46.36 9.39
C LEU A 140 -11.80 46.55 10.84
N GLY A 141 -12.24 47.75 11.16
CA GLY A 141 -12.74 48.03 12.49
C GLY A 141 -12.38 49.39 13.06
N HIS A 142 -11.30 49.98 12.57
CA HIS A 142 -10.84 51.28 13.06
C HIS A 142 -11.13 52.44 12.11
N LEU A 143 -11.91 52.21 11.06
CA LEU A 143 -12.25 53.25 10.10
C LEU A 143 -13.74 53.61 10.19
N SER A 144 -14.10 54.69 9.51
CA SER A 144 -15.49 55.12 9.48
C SER A 144 -16.33 54.17 8.64
N ALA A 145 -17.65 54.26 8.83
CA ALA A 145 -18.55 53.29 8.20
C ALA A 145 -18.48 53.37 6.68
N GLY A 146 -18.46 54.59 6.12
CA GLY A 146 -18.34 54.72 4.68
C GLY A 146 -17.00 54.22 4.17
N ALA A 147 -15.92 54.57 4.88
CA ALA A 147 -14.60 54.08 4.50
C ALA A 147 -14.52 52.57 4.59
N ARG A 148 -15.11 51.99 5.64
CA ARG A 148 -15.13 50.54 5.77
C ARG A 148 -15.88 49.91 4.60
N ARG A 149 -17.04 50.45 4.26
CA ARG A 149 -17.83 49.89 3.17
C ARG A 149 -17.08 49.99 1.84
N LEU A 150 -16.46 51.13 1.55
CA LEU A 150 -15.74 51.28 0.29
C LEU A 150 -14.55 50.34 0.21
N ILE A 151 -13.75 50.27 1.28
CA ILE A 151 -12.57 49.41 1.28
C ILE A 151 -12.96 47.96 1.15
N LEU A 152 -13.97 47.52 1.90
CA LEU A 152 -14.42 46.14 1.81
C LEU A 152 -14.98 45.84 0.44
N GLY A 153 -15.69 46.81 -0.16
CA GLY A 153 -16.25 46.58 -1.48
C GLY A 153 -15.18 46.40 -2.55
N ILE A 154 -14.16 47.25 -2.54
CA ILE A 154 -13.09 47.10 -3.53
C ILE A 154 -12.32 45.82 -3.28
N ILE A 155 -12.12 45.47 -2.00
CA ILE A 155 -11.43 44.24 -1.64
C ILE A 155 -12.18 43.02 -2.18
N VAL A 156 -13.50 42.97 -1.94
CA VAL A 156 -14.30 41.83 -2.39
C VAL A 156 -14.39 41.77 -3.90
N THR A 157 -14.55 42.92 -4.56
CA THR A 157 -14.63 42.91 -6.02
C THR A 157 -13.32 42.44 -6.63
N PHE A 158 -12.18 42.91 -6.12
CA PHE A 158 -10.89 42.45 -6.61
C PHE A 158 -10.75 40.95 -6.43
N SER A 159 -11.06 40.44 -5.24
CA SER A 159 -10.91 39.01 -4.98
C SER A 159 -11.82 38.19 -5.88
N LEU A 160 -13.07 38.64 -6.07
CA LEU A 160 -14.02 37.88 -6.85
C LEU A 160 -13.66 37.89 -8.34
N ILE A 161 -13.14 39.03 -8.84
CA ILE A 161 -12.74 39.07 -10.24
C ILE A 161 -11.53 38.17 -10.48
N LEU A 162 -10.57 38.18 -9.55
CA LEU A 162 -9.45 37.26 -9.67
C LEU A 162 -9.93 35.81 -9.65
N ALA A 163 -10.84 35.48 -8.74
CA ALA A 163 -11.36 34.13 -8.65
C ALA A 163 -12.09 33.73 -9.93
N LEU A 164 -12.87 34.65 -10.50
CA LEU A 164 -13.56 34.37 -11.75
C LEU A 164 -12.58 34.12 -12.89
N ILE A 165 -11.50 34.89 -12.92
CA ILE A 165 -10.50 34.69 -13.96
C ILE A 165 -9.85 33.32 -13.83
N CYS A 166 -9.48 32.92 -12.60
CA CYS A 166 -8.94 31.56 -12.43
C CYS A 166 -9.99 30.49 -12.69
N VAL A 167 -11.27 30.80 -12.52
CA VAL A 167 -12.33 29.83 -12.82
C VAL A 167 -12.45 29.62 -14.32
N THR A 168 -12.44 30.69 -15.10
CA THR A 168 -12.78 30.63 -16.52
C THR A 168 -11.56 30.64 -17.43
N GLN A 169 -10.44 30.10 -16.99
CA GLN A 169 -9.21 30.20 -17.78
C GLN A 169 -8.96 28.90 -18.54
N PRO A 170 -8.95 28.93 -19.87
CA PRO A 170 -8.65 27.71 -20.64
C PRO A 170 -7.17 27.42 -20.71
N PHE A 171 -6.83 26.15 -20.50
CA PHE A 171 -5.45 25.66 -20.48
C PHE A 171 -5.29 24.45 -21.38
N ASN A 172 -4.03 24.21 -21.75
CA ASN A 172 -3.60 22.95 -22.33
C ASN A 172 -3.35 21.94 -21.21
N PRO A 173 -3.20 20.65 -21.54
CA PRO A 173 -2.98 19.65 -20.48
C PRO A 173 -1.84 19.98 -19.53
N LEU A 174 -0.71 20.49 -20.03
CA LEU A 174 0.43 20.72 -19.14
C LEU A 174 0.17 21.86 -18.17
N ALA A 175 -0.32 22.99 -18.67
CA ALA A 175 -0.62 24.12 -17.79
C ALA A 175 -1.71 23.76 -16.80
N GLN A 176 -2.74 23.04 -17.26
CA GLN A 176 -3.80 22.60 -16.36
C GLN A 176 -3.24 21.71 -15.26
N PHE A 177 -2.40 20.74 -15.62
CA PHE A 177 -1.85 19.83 -14.63
C PHE A 177 -0.96 20.57 -13.63
N ILE A 178 -0.18 21.54 -14.11
CA ILE A 178 0.63 22.35 -13.21
C ILE A 178 -0.25 23.11 -12.23
N PHE A 179 -1.35 23.68 -12.73
CA PHE A 179 -2.28 24.41 -11.87
C PHE A 179 -2.88 23.49 -10.80
N LEU A 180 -3.28 22.28 -11.20
CA LEU A 180 -3.84 21.35 -10.23
C LEU A 180 -2.82 20.96 -9.18
N MET A 181 -1.59 20.67 -9.60
CA MET A 181 -0.56 20.29 -8.64
C MET A 181 -0.31 21.42 -7.65
N LEU A 182 -0.24 22.66 -8.14
CA LEU A 182 0.00 23.80 -7.26
C LEU A 182 -1.14 24.00 -6.27
N LEU A 183 -2.39 23.94 -6.75
CA LEU A 183 -3.51 24.13 -5.84
C LEU A 183 -3.62 22.99 -4.83
N TRP A 184 -3.34 21.75 -5.27
CA TRP A 184 -3.35 20.62 -4.35
C TRP A 184 -2.29 20.79 -3.27
N GLY A 185 -1.10 21.23 -3.65
CA GLY A 185 -0.06 21.49 -2.67
C GLY A 185 -0.44 22.58 -1.70
N VAL A 186 -1.04 23.66 -2.21
CA VAL A 186 -1.48 24.75 -1.34
C VAL A 186 -2.51 24.25 -0.34
N ALA A 187 -3.46 23.44 -0.80
CA ALA A 187 -4.46 22.87 0.10
C ALA A 187 -3.80 21.97 1.14
N LEU A 188 -2.79 21.20 0.72
CA LEU A 188 -2.10 20.32 1.67
C LEU A 188 -1.40 21.11 2.76
N ILE A 189 -0.72 22.20 2.40
CA ILE A 189 -0.08 23.03 3.42
C ILE A 189 -1.12 23.66 4.32
N VAL A 190 -2.22 24.14 3.74
CA VAL A 190 -3.21 24.87 4.52
C VAL A 190 -3.93 23.95 5.49
N ARG A 191 -4.15 22.69 5.08
CA ARG A 191 -4.86 21.75 5.94
C ARG A 191 -4.11 21.50 7.24
N ARG A 192 -2.78 21.43 7.17
CA ARG A 192 -1.99 21.15 8.36
C ARG A 192 -2.18 22.22 9.42
N MET A 193 -2.30 23.49 9.02
CA MET A 193 -2.39 24.55 10.01
C MET A 193 -3.81 24.62 10.56
N PRO A 194 -3.97 24.60 11.87
CA PRO A 194 -5.31 24.57 12.46
C PRO A 194 -5.91 25.97 12.56
N GLY A 195 -7.18 26.01 12.92
CA GLY A 195 -7.89 27.27 13.08
C GLY A 195 -9.03 27.41 12.07
N ARG A 196 -9.92 28.36 12.38
CA ARG A 196 -11.10 28.56 11.54
C ARG A 196 -10.74 29.31 10.26
N PHE A 197 -9.66 30.09 10.27
CA PHE A 197 -9.20 30.74 9.06
C PHE A 197 -8.73 29.72 8.03
N SER A 198 -8.06 28.65 8.49
CA SER A 198 -7.69 27.57 7.58
C SER A 198 -8.92 26.91 6.97
N ALA A 199 -9.95 26.69 7.78
CA ALA A 199 -11.17 26.10 7.26
C ALA A 199 -11.79 26.99 6.19
N LEU A 200 -11.84 28.30 6.44
CA LEU A 200 -12.40 29.20 5.44
C LEU A 200 -11.57 29.23 4.17
N MET A 201 -10.24 29.21 4.30
CA MET A 201 -9.38 29.21 3.13
C MET A 201 -9.59 27.95 2.30
N LEU A 202 -9.69 26.79 2.96
CA LEU A 202 -9.94 25.55 2.23
C LEU A 202 -11.32 25.57 1.57
N ILE A 203 -12.31 26.16 2.25
CA ILE A 203 -13.64 26.24 1.67
C ILE A 203 -13.62 27.09 0.40
N VAL A 204 -12.93 28.23 0.44
CA VAL A 204 -12.85 29.09 -0.74
C VAL A 204 -12.10 28.38 -1.87
N LEU A 205 -11.03 27.67 -1.55
CA LEU A 205 -10.32 26.91 -2.58
C LEU A 205 -11.22 25.86 -3.22
N SER A 206 -11.97 25.13 -2.39
CA SER A 206 -12.86 24.10 -2.92
C SER A 206 -13.94 24.72 -3.80
N LEU A 207 -14.49 25.85 -3.38
CA LEU A 207 -15.49 26.53 -4.19
C LEU A 207 -14.91 26.97 -5.54
N THR A 208 -13.69 27.51 -5.54
CA THR A 208 -13.08 27.94 -6.79
C THR A 208 -12.84 26.76 -7.73
N VAL A 209 -12.30 25.66 -7.20
CA VAL A 209 -12.03 24.50 -8.04
C VAL A 209 -13.32 23.89 -8.57
N SER A 210 -14.35 23.79 -7.71
CA SER A 210 -15.62 23.24 -8.16
C SER A 210 -16.27 24.12 -9.22
N CYS A 211 -16.19 25.44 -9.05
CA CYS A 211 -16.73 26.34 -10.05
C CYS A 211 -15.98 26.21 -11.37
N ARG A 212 -14.66 26.04 -11.31
CA ARG A 212 -13.88 25.81 -12.52
C ARG A 212 -14.33 24.54 -13.23
N TYR A 213 -14.50 23.46 -12.46
CA TYR A 213 -14.96 22.20 -13.04
C TYR A 213 -16.33 22.34 -13.68
N ILE A 214 -17.26 23.00 -12.99
CA ILE A 214 -18.62 23.13 -13.50
C ILE A 214 -18.64 24.02 -14.74
N TRP A 215 -17.83 25.09 -14.73
CA TRP A 215 -17.71 25.95 -15.90
C TRP A 215 -17.20 25.16 -17.10
N TRP A 216 -16.16 24.34 -16.90
CA TRP A 216 -15.64 23.55 -18.00
C TRP A 216 -16.67 22.55 -18.50
N ARG A 217 -17.39 21.89 -17.58
CA ARG A 217 -18.37 20.90 -18.01
C ARG A 217 -19.49 21.56 -18.81
N TYR A 218 -19.93 22.73 -18.39
CA TYR A 218 -21.02 23.39 -19.10
C TYR A 218 -20.58 24.02 -20.41
N THR A 219 -19.29 24.37 -20.54
CA THR A 219 -18.84 25.11 -21.71
C THR A 219 -18.09 24.28 -22.73
N SER A 220 -17.64 23.08 -22.39
CA SER A 220 -16.74 22.36 -23.27
C SER A 220 -17.04 20.88 -23.42
N THR A 221 -18.02 20.32 -22.69
CA THR A 221 -18.16 18.88 -22.62
C THR A 221 -19.49 18.34 -23.14
N LEU A 222 -20.55 19.14 -23.19
CA LEU A 222 -21.81 18.66 -23.71
C LEU A 222 -21.73 18.54 -25.23
N ASN A 223 -22.22 17.43 -25.77
CA ASN A 223 -22.18 17.18 -27.21
C ASN A 223 -23.52 17.59 -27.81
N TRP A 224 -23.48 18.52 -28.76
CA TRP A 224 -24.69 19.04 -29.39
C TRP A 224 -24.94 18.42 -30.76
N ASP A 225 -24.14 17.44 -31.18
CA ASP A 225 -24.31 16.83 -32.48
C ASP A 225 -25.23 15.63 -32.46
N ASP A 226 -25.00 14.68 -31.55
CA ASP A 226 -25.86 13.50 -31.45
C ASP A 226 -26.86 13.72 -30.34
N PRO A 227 -28.17 13.77 -30.64
CA PRO A 227 -29.15 14.12 -29.59
C PRO A 227 -29.17 13.17 -28.41
N VAL A 228 -28.90 11.88 -28.62
CA VAL A 228 -28.90 10.94 -27.50
C VAL A 228 -27.79 11.28 -26.52
N SER A 229 -26.58 11.53 -27.05
CA SER A 229 -25.49 11.96 -26.18
C SER A 229 -25.79 13.30 -25.54
N LEU A 230 -26.50 14.18 -26.24
CA LEU A 230 -26.89 15.46 -25.65
C LEU A 230 -27.80 15.25 -24.44
N VAL A 231 -28.80 14.38 -24.59
CA VAL A 231 -29.73 14.15 -23.47
C VAL A 231 -29.00 13.51 -22.31
N CYS A 232 -28.17 12.50 -22.58
CA CYS A 232 -27.42 11.85 -21.50
C CYS A 232 -26.51 12.83 -20.79
N GLY A 233 -25.81 13.68 -21.55
CA GLY A 233 -24.95 14.68 -20.95
C GLY A 233 -25.72 15.68 -20.11
N LEU A 234 -26.91 16.07 -20.59
CA LEU A 234 -27.72 17.01 -19.80
C LEU A 234 -28.15 16.39 -18.48
N ILE A 235 -28.58 15.13 -18.49
CA ILE A 235 -28.98 14.48 -17.23
C ILE A 235 -27.79 14.37 -16.29
N LEU A 236 -26.64 13.93 -16.80
CA LEU A 236 -25.47 13.78 -15.94
C LEU A 236 -25.01 15.13 -15.39
N LEU A 237 -25.07 16.18 -16.22
CA LEU A 237 -24.64 17.49 -15.77
C LEU A 237 -25.62 18.09 -14.77
N PHE A 238 -26.91 17.82 -14.92
CA PHE A 238 -27.86 18.23 -13.90
C PHE A 238 -27.58 17.52 -12.58
N ALA A 239 -27.25 16.23 -12.63
CA ALA A 239 -26.89 15.52 -11.41
C ALA A 239 -25.65 16.11 -10.76
N GLU A 240 -24.64 16.42 -11.57
CA GLU A 240 -23.42 17.02 -11.04
C GLU A 240 -23.70 18.40 -10.43
N THR A 241 -24.56 19.18 -11.09
CA THR A 241 -24.94 20.48 -10.55
C THR A 241 -25.66 20.35 -9.22
N TYR A 242 -26.58 19.39 -9.11
CA TYR A 242 -27.27 19.17 -7.84
C TYR A 242 -26.28 18.77 -6.75
N ALA A 243 -25.33 17.89 -7.06
CA ALA A 243 -24.35 17.48 -6.08
C ALA A 243 -23.48 18.65 -5.65
N TRP A 244 -23.08 19.50 -6.58
CA TRP A 244 -22.29 20.67 -6.25
C TRP A 244 -23.07 21.65 -5.39
N ILE A 245 -24.36 21.83 -5.67
CA ILE A 245 -25.19 22.69 -4.85
C ILE A 245 -25.28 22.14 -3.43
N VAL A 246 -25.46 20.83 -3.29
CA VAL A 246 -25.53 20.22 -1.97
C VAL A 246 -24.21 20.40 -1.23
N LEU A 247 -23.10 20.24 -1.93
CA LEU A 247 -21.79 20.43 -1.30
C LEU A 247 -21.59 21.86 -0.83
N VAL A 248 -21.99 22.84 -1.64
CA VAL A 248 -21.85 24.24 -1.26
C VAL A 248 -22.74 24.56 -0.07
N LEU A 249 -23.98 24.04 -0.07
CA LEU A 249 -24.87 24.26 1.07
C LEU A 249 -24.30 23.65 2.34
N GLY A 250 -23.73 22.45 2.22
CA GLY A 250 -23.08 21.83 3.38
C GLY A 250 -21.90 22.62 3.87
N TYR A 251 -21.13 23.20 2.95
CA TYR A 251 -20.01 24.06 3.34
C TYR A 251 -20.52 25.26 4.13
N PHE A 252 -21.61 25.87 3.65
CA PHE A 252 -22.17 27.04 4.32
C PHE A 252 -22.71 26.69 5.69
N GLN A 253 -23.31 25.51 5.83
CA GLN A 253 -23.92 25.13 7.10
C GLN A 253 -22.88 25.05 8.21
N VAL A 254 -21.71 24.49 7.91
CA VAL A 254 -20.67 24.25 8.89
C VAL A 254 -19.45 25.12 8.65
N VAL A 255 -19.64 26.30 8.05
CA VAL A 255 -18.50 27.18 7.74
C VAL A 255 -17.85 27.69 9.01
N TRP A 256 -18.64 27.97 10.03
CA TRP A 256 -18.14 28.62 11.25
C TRP A 256 -18.90 28.07 12.44
N PRO A 257 -18.39 27.00 13.06
CA PRO A 257 -19.03 26.47 14.27
C PRO A 257 -18.94 27.48 15.41
N LEU A 258 -20.04 27.61 16.15
CA LEU A 258 -20.11 28.63 17.19
C LEU A 258 -19.17 28.34 18.34
N ASN A 259 -18.97 27.06 18.66
CA ASN A 259 -18.12 26.63 19.77
C ASN A 259 -18.57 27.29 21.07
N ARG A 260 -19.87 27.17 21.35
CA ARG A 260 -20.47 27.85 22.50
C ARG A 260 -19.90 27.31 23.81
N GLN A 261 -19.67 28.21 24.75
CA GLN A 261 -19.17 27.86 26.07
C GLN A 261 -20.22 28.19 27.13
N PRO A 262 -20.25 27.44 28.23
CA PRO A 262 -21.31 27.67 29.22
C PRO A 262 -21.08 28.96 29.99
N VAL A 263 -22.16 29.72 30.15
CA VAL A 263 -22.17 30.94 30.96
C VAL A 263 -22.55 30.53 32.39
N PRO A 264 -21.74 30.84 33.39
CA PRO A 264 -21.99 30.28 34.72
C PRO A 264 -23.23 30.88 35.37
N LEU A 265 -23.90 30.06 36.17
CA LEU A 265 -25.10 30.49 36.87
C LEU A 265 -24.71 31.44 38.00
N PRO A 266 -25.64 32.28 38.44
CA PRO A 266 -25.34 33.16 39.58
C PRO A 266 -24.93 32.35 40.80
N LYS A 267 -23.95 32.88 41.54
CA LYS A 267 -23.42 32.17 42.70
C LYS A 267 -24.48 31.99 43.77
N ASP A 268 -25.51 32.83 43.79
CA ASP A 268 -26.60 32.68 44.75
C ASP A 268 -27.56 31.61 44.23
N MET A 269 -27.62 30.48 44.94
CA MET A 269 -28.44 29.35 44.49
C MET A 269 -29.93 29.64 44.59
N SER A 270 -30.34 30.61 45.40
CA SER A 270 -31.74 30.94 45.53
C SER A 270 -32.33 31.52 44.25
N LEU A 271 -31.49 31.97 43.33
CA LEU A 271 -31.95 32.56 42.07
C LEU A 271 -32.11 31.53 40.97
N TRP A 272 -31.90 30.25 41.25
CA TRP A 272 -31.95 29.19 40.26
C TRP A 272 -33.38 28.72 40.01
N PRO A 273 -33.68 28.22 38.81
CA PRO A 273 -35.06 27.90 38.45
C PRO A 273 -35.46 26.48 38.82
N SER A 274 -36.69 26.14 38.46
CA SER A 274 -37.23 24.80 38.67
C SER A 274 -37.21 24.01 37.37
N VAL A 275 -36.74 22.77 37.45
CA VAL A 275 -36.57 21.91 36.29
C VAL A 275 -37.33 20.61 36.52
N ASP A 276 -37.93 20.08 35.46
CA ASP A 276 -38.61 18.79 35.50
C ASP A 276 -37.94 17.86 34.50
N ILE A 277 -37.31 16.80 35.00
CA ILE A 277 -36.67 15.80 34.18
C ILE A 277 -37.71 14.73 33.81
N PHE A 278 -37.75 14.36 32.55
CA PHE A 278 -38.69 13.36 32.03
C PHE A 278 -37.89 12.18 31.51
N VAL A 279 -38.32 10.98 31.87
CA VAL A 279 -37.79 9.75 31.33
C VAL A 279 -38.96 8.94 30.77
N PRO A 280 -39.23 9.03 29.47
CA PRO A 280 -40.30 8.23 28.87
C PRO A 280 -39.82 6.86 28.41
N THR A 281 -40.47 5.81 28.88
CA THR A 281 -40.12 4.44 28.52
C THR A 281 -41.38 3.68 28.14
N TYR A 282 -41.23 2.75 27.20
CA TYR A 282 -42.33 1.89 26.76
C TYR A 282 -42.06 0.42 27.02
N ASN A 283 -40.92 -0.10 26.56
CA ASN A 283 -40.63 -1.52 26.69
C ASN A 283 -39.27 -1.81 27.29
N GLU A 284 -38.50 -0.79 27.64
CA GLU A 284 -37.17 -1.03 28.20
C GLU A 284 -37.28 -1.70 29.56
N ASP A 285 -36.35 -2.61 29.82
CA ASP A 285 -36.32 -3.29 31.11
C ASP A 285 -35.94 -2.32 32.22
N LEU A 286 -36.32 -2.68 33.45
CA LEU A 286 -35.99 -1.84 34.59
C LEU A 286 -34.49 -1.70 34.77
N ASN A 287 -33.70 -2.63 34.24
CA ASN A 287 -32.25 -2.50 34.31
C ASN A 287 -31.77 -1.27 33.55
N VAL A 288 -32.38 -1.00 32.39
CA VAL A 288 -31.97 0.16 31.60
C VAL A 288 -32.40 1.46 32.27
N VAL A 289 -33.64 1.52 32.76
CA VAL A 289 -34.17 2.76 33.31
C VAL A 289 -33.64 3.05 34.71
N LYS A 290 -33.19 2.03 35.43
CA LYS A 290 -32.64 2.23 36.77
C LYS A 290 -31.42 3.13 36.72
N ASN A 291 -30.53 2.89 35.77
CA ASN A 291 -29.33 3.71 35.66
C ASN A 291 -29.68 5.17 35.36
N THR A 292 -30.62 5.39 34.43
CA THR A 292 -31.02 6.74 34.07
C THR A 292 -31.61 7.46 35.29
N ILE A 293 -32.49 6.79 36.03
CA ILE A 293 -33.15 7.45 37.15
C ILE A 293 -32.16 7.71 38.29
N TYR A 294 -31.26 6.76 38.54
CA TYR A 294 -30.25 6.98 39.57
C TYR A 294 -29.34 8.15 39.22
N ALA A 295 -28.89 8.23 37.96
CA ALA A 295 -28.03 9.33 37.56
C ALA A 295 -28.78 10.65 37.56
N SER A 296 -30.07 10.64 37.21
CA SER A 296 -30.87 11.85 37.30
C SER A 296 -30.99 12.33 38.73
N LEU A 297 -31.16 11.39 39.67
CA LEU A 297 -31.16 11.76 41.08
C LEU A 297 -29.79 12.27 41.52
N GLY A 298 -28.73 11.81 40.88
CA GLY A 298 -27.41 12.26 41.23
C GLY A 298 -26.96 13.59 40.63
N ILE A 299 -27.83 14.24 39.84
CA ILE A 299 -27.46 15.49 39.19
C ILE A 299 -27.31 16.59 40.24
N ASP A 300 -26.26 17.39 40.09
CA ASP A 300 -26.03 18.53 40.98
C ASP A 300 -27.03 19.63 40.66
N TRP A 301 -27.97 19.86 41.57
CA TRP A 301 -29.00 20.87 41.45
C TRP A 301 -29.72 20.93 42.79
N PRO A 302 -30.30 22.08 43.15
CA PRO A 302 -31.11 22.12 44.37
C PRO A 302 -32.24 21.10 44.32
N LYS A 303 -32.46 20.44 45.45
CA LYS A 303 -33.44 19.35 45.50
C LYS A 303 -34.86 19.89 45.26
N ASP A 304 -35.18 21.05 45.82
CA ASP A 304 -36.51 21.62 45.64
C ASP A 304 -36.72 22.23 44.27
N LYS A 305 -35.67 22.28 43.45
CA LYS A 305 -35.73 22.90 42.13
C LYS A 305 -35.57 21.89 41.00
N LEU A 306 -35.72 20.60 41.30
CA LEU A 306 -35.71 19.55 40.29
C LEU A 306 -36.69 18.47 40.68
N ASN A 307 -37.51 18.03 39.73
CA ASN A 307 -38.46 16.95 39.94
C ASN A 307 -38.37 15.96 38.79
N ILE A 308 -38.26 14.68 39.12
CA ILE A 308 -38.02 13.62 38.15
C ILE A 308 -39.33 12.87 37.92
N TRP A 309 -39.61 12.55 36.66
CA TRP A 309 -40.83 11.86 36.26
C TRP A 309 -40.45 10.67 35.39
N ILE A 310 -41.07 9.52 35.67
CA ILE A 310 -41.00 8.35 34.80
C ILE A 310 -42.34 8.20 34.09
N LEU A 311 -42.30 8.09 32.77
CA LEU A 311 -43.52 7.96 31.97
C LEU A 311 -43.47 6.59 31.30
N ASP A 312 -44.03 5.58 31.97
CA ASP A 312 -44.02 4.21 31.49
C ASP A 312 -45.35 3.93 30.80
N ASP A 313 -45.28 3.56 29.52
CA ASP A 313 -46.49 3.27 28.75
C ASP A 313 -47.01 1.85 28.98
N GLY A 314 -46.23 0.99 29.62
CA GLY A 314 -46.66 -0.36 29.91
C GLY A 314 -47.27 -0.57 31.28
N GLY A 315 -47.13 0.40 32.18
CA GLY A 315 -47.66 0.27 33.52
C GLY A 315 -47.04 -0.86 34.31
N ARG A 316 -45.76 -1.13 34.11
CA ARG A 316 -45.09 -2.21 34.82
C ARG A 316 -45.06 -1.93 36.32
N GLU A 317 -45.44 -2.92 37.12
CA GLU A 317 -45.49 -2.73 38.56
C GLU A 317 -44.11 -2.66 39.19
N GLU A 318 -43.12 -3.32 38.58
CA GLU A 318 -41.76 -3.22 39.07
C GLU A 318 -41.25 -1.78 39.02
N PHE A 319 -41.56 -1.08 37.93
CA PHE A 319 -41.20 0.33 37.83
C PHE A 319 -41.87 1.15 38.92
N ARG A 320 -43.15 0.87 39.19
CA ARG A 320 -43.86 1.59 40.24
C ARG A 320 -43.19 1.37 41.60
N GLN A 321 -42.88 0.12 41.93
CA GLN A 321 -42.27 -0.17 43.21
C GLN A 321 -40.89 0.46 43.33
N PHE A 322 -40.10 0.39 42.26
CA PHE A 322 -38.78 1.01 42.27
C PHE A 322 -38.87 2.52 42.45
N ALA A 323 -39.80 3.17 41.73
CA ALA A 323 -39.96 4.61 41.86
C ALA A 323 -40.41 5.00 43.26
N GLN A 324 -41.34 4.25 43.84
CA GLN A 324 -41.79 4.56 45.19
C GLN A 324 -40.69 4.35 46.21
N ASN A 325 -39.89 3.30 46.06
CA ASN A 325 -38.80 3.04 46.98
C ASN A 325 -37.73 4.14 46.89
N VAL A 326 -37.42 4.60 45.67
CA VAL A 326 -36.42 5.63 45.49
C VAL A 326 -37.02 7.04 45.52
N GLY A 327 -38.33 7.18 45.36
CA GLY A 327 -39.00 8.45 45.56
C GLY A 327 -39.32 9.24 44.32
N VAL A 328 -38.76 8.89 43.17
CA VAL A 328 -39.04 9.63 41.95
C VAL A 328 -40.51 9.43 41.56
N LYS A 329 -41.04 10.42 40.86
CA LYS A 329 -42.44 10.39 40.46
C LYS A 329 -42.65 9.42 39.32
N TYR A 330 -43.83 8.80 39.30
CA TYR A 330 -44.19 7.82 38.28
C TYR A 330 -45.61 8.10 37.82
N ILE A 331 -45.80 8.24 36.51
CA ILE A 331 -47.10 8.52 35.93
C ILE A 331 -47.29 7.65 34.69
N ALA A 332 -48.45 7.01 34.58
CA ALA A 332 -48.80 6.18 33.45
C ALA A 332 -50.00 6.77 32.72
N ARG A 333 -50.18 6.36 31.47
CA ARG A 333 -51.22 6.90 30.61
C ARG A 333 -52.36 5.91 30.44
N THR A 334 -53.59 6.43 30.40
CA THR A 334 -54.74 5.59 30.09
C THR A 334 -54.78 5.24 28.62
N THR A 335 -54.52 6.21 27.75
CA THR A 335 -54.45 6.01 26.31
C THR A 335 -53.07 6.41 25.83
N HIS A 336 -52.68 5.86 24.68
CA HIS A 336 -51.30 5.95 24.20
C HIS A 336 -51.23 6.47 22.78
N GLU A 337 -51.92 7.58 22.51
CA GLU A 337 -51.87 8.18 21.19
C GLU A 337 -50.55 8.93 21.00
N HIS A 338 -50.10 8.97 19.75
CA HIS A 338 -48.95 9.76 19.30
C HIS A 338 -47.63 9.32 19.91
N ALA A 339 -47.59 8.16 20.56
CA ALA A 339 -46.35 7.50 21.00
C ALA A 339 -45.61 8.42 21.97
N LYS A 340 -44.31 8.64 21.78
CA LYS A 340 -43.51 9.35 22.79
C LYS A 340 -43.92 10.81 22.90
N ALA A 341 -44.20 11.46 21.77
CA ALA A 341 -44.64 12.84 21.80
C ALA A 341 -45.96 12.98 22.55
N GLY A 342 -46.88 12.06 22.31
CA GLY A 342 -48.15 12.09 23.05
C GLY A 342 -47.96 11.82 24.52
N ASN A 343 -47.04 10.92 24.87
CA ASN A 343 -46.73 10.67 26.28
C ASN A 343 -46.21 11.92 26.96
N ILE A 344 -45.26 12.60 26.32
CA ILE A 344 -44.70 13.81 26.90
C ILE A 344 -45.75 14.90 27.00
N ASN A 345 -46.60 15.02 25.99
CA ASN A 345 -47.67 16.03 26.03
C ASN A 345 -48.64 15.75 27.17
N ASN A 346 -49.01 14.47 27.36
CA ASN A 346 -49.89 14.12 28.47
C ASN A 346 -49.24 14.40 29.81
N ALA A 347 -47.95 14.12 29.94
CA ALA A 347 -47.25 14.40 31.19
C ALA A 347 -47.13 15.90 31.43
N LEU A 348 -47.05 16.70 30.38
CA LEU A 348 -46.83 18.14 30.53
C LEU A 348 -48.01 18.83 31.18
N LYS A 349 -49.20 18.20 31.19
CA LYS A 349 -50.34 18.80 31.88
C LYS A 349 -50.17 18.83 33.39
N TYR A 350 -49.24 18.05 33.94
CA TYR A 350 -49.06 17.95 35.38
C TYR A 350 -47.78 18.59 35.90
N ALA A 351 -46.76 18.77 35.07
CA ALA A 351 -45.53 19.40 35.52
C ALA A 351 -45.72 20.90 35.72
N LYS A 352 -45.04 21.45 36.72
CA LYS A 352 -45.19 22.87 37.06
C LYS A 352 -43.88 23.64 37.03
N GLY A 353 -42.79 23.02 36.59
CA GLY A 353 -41.52 23.71 36.51
C GLY A 353 -41.43 24.65 35.32
N GLU A 354 -40.47 25.55 35.38
CA GLU A 354 -40.24 26.50 34.30
C GLU A 354 -39.42 25.93 33.16
N PHE A 355 -38.79 24.77 33.35
CA PHE A 355 -38.01 24.13 32.31
C PHE A 355 -38.26 22.63 32.34
N VAL A 356 -38.20 22.00 31.18
CA VAL A 356 -38.43 20.58 31.03
C VAL A 356 -37.23 19.97 30.32
N SER A 357 -36.54 19.06 30.98
CA SER A 357 -35.47 18.28 30.37
C SER A 357 -36.03 16.92 29.99
N ILE A 358 -35.61 16.40 28.84
CA ILE A 358 -36.11 15.12 28.35
C ILE A 358 -34.94 14.20 28.10
N PHE A 359 -35.01 12.97 28.60
CA PHE A 359 -33.93 12.02 28.44
C PHE A 359 -34.44 10.71 27.85
N ASP A 360 -33.67 10.15 26.93
CA ASP A 360 -33.93 8.79 26.49
C ASP A 360 -33.57 7.81 27.60
N CYS A 361 -34.14 6.62 27.51
CA CYS A 361 -33.90 5.60 28.53
C CYS A 361 -32.44 5.20 28.58
N ASP A 362 -31.81 5.04 27.43
CA ASP A 362 -30.42 4.61 27.38
C ASP A 362 -29.43 5.70 27.74
N HIS A 363 -29.80 6.97 27.56
CA HIS A 363 -28.89 8.07 27.82
C HIS A 363 -28.77 8.29 29.32
N VAL A 364 -27.54 8.32 29.82
CA VAL A 364 -27.28 8.53 31.24
C VAL A 364 -27.00 10.01 31.47
N PRO A 365 -27.77 10.70 32.31
CA PRO A 365 -27.47 12.10 32.61
C PRO A 365 -26.29 12.22 33.54
N THR A 366 -25.40 13.15 33.21
CA THR A 366 -24.24 13.44 34.03
C THR A 366 -24.63 14.41 35.15
N ARG A 367 -23.86 14.38 36.24
CA ARG A 367 -24.16 15.23 37.39
C ARG A 367 -24.00 16.71 37.04
N SER A 368 -23.02 17.06 36.21
CA SER A 368 -22.73 18.44 35.87
C SER A 368 -23.55 18.95 34.70
N PHE A 369 -24.73 18.39 34.48
CA PHE A 369 -25.53 18.64 33.29
C PHE A 369 -26.25 19.99 33.35
N LEU A 370 -27.15 20.13 34.31
CA LEU A 370 -28.00 21.32 34.35
C LEU A 370 -27.22 22.57 34.74
N GLN A 371 -26.21 22.43 35.60
CA GLN A 371 -25.38 23.58 35.94
C GLN A 371 -24.65 24.12 34.72
N MET A 372 -24.16 23.22 33.86
CA MET A 372 -23.48 23.66 32.65
C MET A 372 -24.46 24.16 31.59
N THR A 373 -25.71 23.68 31.62
CA THR A 373 -26.65 24.01 30.57
C THR A 373 -27.43 25.30 30.83
N MET A 374 -27.97 25.50 32.03
CA MET A 374 -29.05 26.47 32.21
C MET A 374 -28.55 27.89 32.41
N GLY A 375 -27.24 28.12 32.41
CA GLY A 375 -26.74 29.48 32.46
C GLY A 375 -27.20 30.30 31.27
N TRP A 376 -27.21 29.67 30.08
CA TRP A 376 -27.69 30.35 28.89
C TRP A 376 -29.18 30.64 28.98
N PHE A 377 -29.95 29.75 29.59
CA PHE A 377 -31.37 30.00 29.77
C PHE A 377 -31.59 31.20 30.68
N LEU A 378 -30.86 31.28 31.78
CA LEU A 378 -31.01 32.44 32.66
C LEU A 378 -30.32 33.69 32.13
N LYS A 379 -29.54 33.56 31.06
CA LYS A 379 -28.88 34.70 30.43
C LYS A 379 -29.68 35.24 29.25
N GLU A 380 -30.00 34.38 28.28
CA GLU A 380 -30.70 34.78 27.07
C GLU A 380 -32.18 34.48 27.23
N LYS A 381 -33.02 35.51 27.07
CA LYS A 381 -34.44 35.36 27.34
C LYS A 381 -35.12 34.54 26.25
N GLN A 382 -34.81 34.83 24.98
CA GLN A 382 -35.51 34.19 23.88
C GLN A 382 -35.10 32.74 23.67
N LEU A 383 -34.08 32.25 24.37
CA LEU A 383 -33.62 30.88 24.20
C LEU A 383 -34.67 29.94 24.76
N ALA A 384 -35.43 29.30 23.87
CA ALA A 384 -36.46 28.36 24.28
C ALA A 384 -35.99 26.92 24.28
N MET A 385 -34.89 26.63 23.60
CA MET A 385 -34.36 25.28 23.46
C MET A 385 -32.86 25.28 23.73
N MET A 386 -32.37 24.20 24.35
CA MET A 386 -30.94 23.95 24.45
C MET A 386 -30.71 22.45 24.29
N GLN A 387 -29.74 22.09 23.46
CA GLN A 387 -29.46 20.71 23.11
C GLN A 387 -28.03 20.36 23.45
N THR A 388 -27.82 19.15 23.95
CA THR A 388 -26.51 18.59 24.24
C THR A 388 -26.28 17.36 23.38
N PRO A 389 -25.02 17.04 23.06
CA PRO A 389 -24.78 15.97 22.08
C PRO A 389 -25.29 14.62 22.56
N HIS A 390 -25.80 13.84 21.61
CA HIS A 390 -26.23 12.48 21.93
C HIS A 390 -25.02 11.59 22.25
N HIS A 391 -23.96 11.72 21.46
CA HIS A 391 -22.75 10.93 21.66
C HIS A 391 -21.54 11.81 21.92
N GLY A 417 -22.22 16.36 17.38
CA GLY A 417 -21.38 16.42 16.21
C GLY A 417 -20.99 17.84 15.82
N LEU A 418 -20.55 18.01 14.58
CA LEU A 418 -20.16 19.32 14.07
C LEU A 418 -21.27 20.01 13.29
N VAL A 419 -22.27 19.28 12.83
CA VAL A 419 -23.38 19.90 12.11
C VAL A 419 -24.19 20.77 13.05
N GLN A 420 -24.45 20.29 14.27
CA GLN A 420 -25.24 21.07 15.22
C GLN A 420 -24.52 22.35 15.62
N ASP A 421 -23.20 22.29 15.76
CA ASP A 421 -22.43 23.49 16.09
C ASP A 421 -22.57 24.54 15.01
N GLY A 422 -22.50 24.12 13.74
CA GLY A 422 -22.73 25.05 12.66
C GLY A 422 -24.15 25.57 12.61
N ASN A 423 -25.12 24.72 12.91
CA ASN A 423 -26.52 25.14 12.91
C ASN A 423 -26.77 26.19 13.97
N ASP A 424 -26.14 26.05 15.15
CA ASP A 424 -26.34 27.02 16.21
C ASP A 424 -25.90 28.40 15.80
N MET A 425 -24.94 28.50 14.88
CA MET A 425 -24.53 29.79 14.35
C MET A 425 -25.69 30.48 13.64
N TRP A 426 -26.49 29.72 12.91
CA TRP A 426 -27.59 30.24 12.13
C TRP A 426 -28.92 30.11 12.84
N ASP A 427 -28.91 29.72 14.12
CA ASP A 427 -30.13 29.46 14.89
C ASP A 427 -31.00 28.41 14.19
N ALA A 428 -30.39 27.26 13.90
CA ALA A 428 -31.09 26.16 13.24
C ALA A 428 -30.82 24.82 13.90
N THR A 429 -30.29 24.80 15.12
CA THR A 429 -30.08 23.55 15.83
C THR A 429 -31.43 22.91 16.16
N PHE A 430 -31.64 21.68 15.69
CA PHE A 430 -32.92 21.02 15.83
C PHE A 430 -32.84 19.91 16.87
N PHE A 431 -33.99 19.66 17.50
CA PHE A 431 -34.10 18.68 18.58
C PHE A 431 -33.83 17.28 18.07
N CYS A 432 -33.12 16.50 18.88
CA CYS A 432 -32.82 15.10 18.56
C CYS A 432 -33.58 14.13 19.43
N GLY A 433 -34.55 14.61 20.22
CA GLY A 433 -35.42 13.76 21.00
C GLY A 433 -34.95 13.47 22.41
N SER A 434 -33.73 13.85 22.77
CA SER A 434 -33.22 13.53 24.10
C SER A 434 -32.09 14.49 24.45
N CYS A 435 -31.72 14.48 25.73
CA CYS A 435 -30.62 15.28 26.26
C CYS A 435 -30.79 16.76 25.94
N ALA A 436 -32.02 17.26 26.09
CA ALA A 436 -32.32 18.65 25.79
C ALA A 436 -33.22 19.24 26.86
N VAL A 437 -33.10 20.56 27.02
CA VAL A 437 -33.88 21.34 27.98
C VAL A 437 -34.68 22.38 27.21
N ILE A 438 -35.98 22.44 27.47
CA ILE A 438 -36.89 23.33 26.78
C ILE A 438 -37.58 24.21 27.82
N ARG A 439 -37.60 25.51 27.57
CA ARG A 439 -38.33 26.42 28.45
C ARG A 439 -39.81 26.11 28.40
N ARG A 440 -40.46 26.12 29.57
CA ARG A 440 -41.81 25.60 29.67
C ARG A 440 -42.83 26.50 28.98
N LYS A 441 -42.72 27.82 29.17
CA LYS A 441 -43.71 28.73 28.59
C LYS A 441 -43.71 28.69 27.06
N PRO A 442 -42.59 28.83 26.36
CA PRO A 442 -42.64 28.68 24.90
C PRO A 442 -43.10 27.31 24.45
N LEU A 443 -42.75 26.26 25.20
CA LEU A 443 -43.20 24.92 24.85
C LEU A 443 -44.72 24.80 24.92
N ASP A 444 -45.32 25.41 25.95
CA ASP A 444 -46.77 25.39 26.06
C ASP A 444 -47.43 26.35 25.08
N GLU A 445 -46.67 27.32 24.57
CA GLU A 445 -47.23 28.28 23.63
C GLU A 445 -47.62 27.60 22.33
N ILE A 446 -46.83 26.64 21.86
CA ILE A 446 -47.06 25.99 20.57
C ILE A 446 -47.96 24.78 20.74
N GLY A 447 -48.54 24.62 21.92
CA GLY A 447 -49.42 23.49 22.17
C GLY A 447 -48.72 22.17 22.41
N GLY A 448 -47.53 22.19 23.00
CA GLY A 448 -46.82 20.97 23.31
C GLY A 448 -46.01 20.44 22.15
N ILE A 449 -45.42 19.27 22.37
CA ILE A 449 -44.58 18.65 21.36
C ILE A 449 -45.42 18.29 20.14
N ALA A 450 -44.88 18.59 18.95
CA ALA A 450 -45.60 18.30 17.72
C ALA A 450 -45.80 16.80 17.55
N VAL A 451 -46.99 16.43 17.08
CA VAL A 451 -47.36 15.03 16.89
C VAL A 451 -47.75 14.72 15.46
N GLU A 452 -47.58 15.65 14.54
CA GLU A 452 -47.97 15.44 13.15
C GLU A 452 -46.86 14.85 12.29
N THR A 453 -45.70 14.58 12.86
CA THR A 453 -44.59 13.97 12.14
C THR A 453 -43.97 12.87 12.99
N VAL A 454 -43.27 11.94 12.34
CA VAL A 454 -42.58 10.90 13.08
C VAL A 454 -41.43 11.50 13.90
N THR A 455 -40.71 12.45 13.33
CA THR A 455 -39.65 13.15 14.05
C THR A 455 -40.29 14.34 14.76
N GLU A 456 -40.85 14.07 15.94
CA GLU A 456 -41.45 15.13 16.73
C GLU A 456 -40.42 16.16 17.16
N ASP A 457 -39.17 15.75 17.32
CA ASP A 457 -38.13 16.64 17.82
C ASP A 457 -37.83 17.76 16.83
N ALA A 458 -37.57 17.42 15.58
CA ALA A 458 -37.25 18.42 14.57
C ALA A 458 -38.43 19.35 14.34
N HIS A 459 -39.65 18.80 14.32
CA HIS A 459 -40.82 19.64 14.10
C HIS A 459 -41.06 20.59 15.27
N THR A 460 -40.81 20.13 16.50
CA THR A 460 -40.89 21.02 17.64
C THR A 460 -39.87 22.14 17.55
N SER A 461 -38.65 21.81 17.10
CA SER A 461 -37.64 22.86 16.90
C SER A 461 -38.08 23.85 15.85
N LEU A 462 -38.65 23.36 14.75
CA LEU A 462 -39.18 24.24 13.71
C LEU A 462 -40.23 25.19 14.28
N ARG A 463 -41.17 24.65 15.05
CA ARG A 463 -42.24 25.47 15.58
C ARG A 463 -41.71 26.50 16.57
N LEU A 464 -40.73 26.12 17.38
CA LEU A 464 -40.08 27.09 18.27
C LEU A 464 -39.43 28.20 17.48
N HIS A 465 -38.74 27.86 16.39
CA HIS A 465 -38.05 28.86 15.59
C HIS A 465 -39.02 29.80 14.89
N ARG A 466 -40.15 29.27 14.42
CA ARG A 466 -41.09 30.08 13.65
C ARG A 466 -41.73 31.17 14.49
N ARG A 467 -41.81 30.98 15.81
CA ARG A 467 -42.35 32.00 16.69
C ARG A 467 -41.33 33.03 17.11
N GLY A 468 -40.11 32.95 16.61
CA GLY A 468 -39.07 33.91 16.94
C GLY A 468 -38.16 33.52 18.07
N TYR A 469 -38.22 32.26 18.53
CA TYR A 469 -37.41 31.83 19.65
C TYR A 469 -36.09 31.24 19.16
N THR A 470 -35.11 31.23 20.06
CA THR A 470 -33.76 30.80 19.72
C THR A 470 -33.46 29.42 20.31
N SER A 471 -32.54 28.71 19.66
CA SER A 471 -32.09 27.41 20.11
C SER A 471 -30.56 27.44 20.24
N ALA A 472 -30.04 26.61 21.12
CA ALA A 472 -28.61 26.58 21.41
C ALA A 472 -28.09 25.15 21.32
N TYR A 473 -26.78 25.00 21.48
CA TYR A 473 -26.11 23.71 21.42
C TYR A 473 -24.73 23.83 22.05
N MET A 474 -24.42 22.92 22.97
CA MET A 474 -23.11 22.89 23.63
C MET A 474 -22.47 21.54 23.37
N ARG A 475 -21.30 21.54 22.73
CA ARG A 475 -20.59 20.30 22.43
C ARG A 475 -19.73 19.89 23.61
N ILE A 476 -20.36 19.65 24.76
CA ILE A 476 -19.67 19.24 25.97
C ILE A 476 -20.23 17.88 26.37
N PRO A 477 -19.38 16.87 26.61
CA PRO A 477 -19.89 15.51 26.88
C PRO A 477 -20.81 15.49 28.09
N GLN A 478 -21.93 14.76 27.96
CA GLN A 478 -22.93 14.68 29.00
C GLN A 478 -23.44 13.26 29.20
N ALA A 479 -22.79 12.26 28.62
CA ALA A 479 -23.21 10.88 28.77
C ALA A 479 -22.53 10.24 29.97
N GLU A 485 -24.00 2.32 18.66
CA GLU A 485 -24.58 1.09 19.17
C GLU A 485 -24.71 0.05 18.08
N SER A 486 -25.95 -0.23 17.66
CA SER A 486 -26.23 -1.19 16.61
C SER A 486 -26.59 -0.46 15.32
N LEU A 487 -25.94 -0.87 14.23
CA LEU A 487 -26.13 -0.17 12.96
C LEU A 487 -27.55 -0.36 12.40
N SER A 488 -28.26 -1.41 12.81
CA SER A 488 -29.65 -1.55 12.40
C SER A 488 -30.50 -0.41 12.91
N ALA A 489 -30.33 -0.05 14.19
CA ALA A 489 -31.00 1.12 14.72
C ALA A 489 -30.53 2.40 14.03
N HIS A 490 -29.26 2.44 13.63
CA HIS A 490 -28.76 3.60 12.89
C HIS A 490 -29.52 3.77 11.58
N ILE A 491 -29.70 2.69 10.84
CA ILE A 491 -30.40 2.78 9.57
C ILE A 491 -31.87 3.10 9.80
N GLY A 492 -32.47 2.51 10.83
CA GLY A 492 -33.85 2.84 11.14
C GLY A 492 -34.04 4.31 11.51
N GLN A 493 -33.12 4.86 12.29
CA GLN A 493 -33.24 6.26 12.70
C GLN A 493 -32.99 7.18 11.53
N ARG A 494 -32.10 6.80 10.61
CA ARG A 494 -31.95 7.58 9.39
C ARG A 494 -33.21 7.54 8.55
N ILE A 495 -33.86 6.38 8.48
CA ILE A 495 -35.11 6.25 7.73
C ILE A 495 -36.17 7.18 8.30
N ARG A 496 -36.35 7.13 9.62
CA ARG A 496 -37.40 7.95 10.22
C ARG A 496 -37.05 9.43 10.15
N TRP A 497 -35.76 9.79 10.24
CA TRP A 497 -35.38 11.17 10.04
C TRP A 497 -35.75 11.65 8.65
N ALA A 498 -35.46 10.83 7.64
CA ALA A 498 -35.80 11.22 6.26
C ALA A 498 -37.31 11.39 6.10
N ARG A 499 -38.08 10.43 6.62
CA ARG A 499 -39.53 10.51 6.49
C ARG A 499 -40.08 11.71 7.25
N GLY A 500 -39.53 11.99 8.43
CA GLY A 500 -39.98 13.14 9.20
C GLY A 500 -39.67 14.46 8.52
N MET A 501 -38.50 14.56 7.89
CA MET A 501 -38.21 15.76 7.11
C MET A 501 -39.17 15.89 5.94
N VAL A 502 -39.50 14.77 5.30
CA VAL A 502 -40.46 14.80 4.19
C VAL A 502 -41.80 15.36 4.67
N GLN A 503 -42.30 14.86 5.81
CA GLN A 503 -43.59 15.35 6.30
C GLN A 503 -43.49 16.77 6.85
N ILE A 504 -42.34 17.16 7.39
CA ILE A 504 -42.16 18.54 7.86
C ILE A 504 -42.25 19.50 6.69
N PHE A 505 -41.60 19.15 5.57
CA PHE A 505 -41.76 19.94 4.36
C PHE A 505 -43.19 19.92 3.85
N ARG A 506 -43.85 18.76 3.97
CA ARG A 506 -45.21 18.62 3.46
C ARG A 506 -46.18 19.52 4.22
N LEU A 507 -46.07 19.58 5.54
CA LEU A 507 -47.07 20.23 6.38
C LEU A 507 -46.67 21.64 6.79
N ASP A 508 -45.40 21.87 7.11
CA ASP A 508 -44.91 23.15 7.62
C ASP A 508 -43.75 23.64 6.77
N ASN A 509 -43.96 23.68 5.45
CA ASN A 509 -42.99 24.04 4.43
C ASN A 509 -42.14 25.24 4.85
N PRO A 510 -40.84 25.04 5.08
CA PRO A 510 -39.99 26.18 5.44
C PRO A 510 -39.88 27.23 4.37
N LEU A 511 -39.91 26.83 3.09
CA LEU A 511 -39.72 27.78 2.01
C LEU A 511 -40.86 28.80 1.95
N THR A 512 -42.11 28.33 1.99
CA THR A 512 -43.27 29.20 1.92
C THR A 512 -43.79 29.62 3.30
N GLY A 513 -43.18 29.12 4.37
CA GLY A 513 -43.64 29.48 5.70
C GLY A 513 -43.19 30.87 6.12
N LYS A 514 -43.81 31.35 7.19
CA LYS A 514 -43.49 32.66 7.74
C LYS A 514 -42.71 32.54 9.03
N GLY A 515 -41.87 33.53 9.29
CA GLY A 515 -41.16 33.63 10.56
C GLY A 515 -39.76 33.08 10.58
N LEU A 516 -39.24 32.60 9.46
CA LEU A 516 -37.91 31.99 9.42
C LEU A 516 -36.91 32.88 8.69
N LYS A 517 -35.75 33.05 9.29
CA LYS A 517 -34.65 33.75 8.65
C LYS A 517 -34.03 32.89 7.57
N PHE A 518 -33.28 33.53 6.67
CA PHE A 518 -32.78 32.85 5.48
C PHE A 518 -31.84 31.71 5.82
N ALA A 519 -30.97 31.90 6.81
CA ALA A 519 -29.99 30.87 7.14
C ALA A 519 -30.65 29.60 7.66
N GLN A 520 -31.69 29.74 8.49
CA GLN A 520 -32.41 28.57 8.96
C GLN A 520 -33.11 27.84 7.83
N ARG A 521 -33.70 28.59 6.89
CA ARG A 521 -34.31 27.96 5.73
C ARG A 521 -33.27 27.18 4.93
N LEU A 522 -32.09 27.77 4.78
CA LEU A 522 -31.02 27.07 4.06
C LEU A 522 -30.62 25.80 4.77
N CYS A 523 -30.54 25.83 6.11
CA CYS A 523 -30.17 24.64 6.86
C CYS A 523 -31.20 23.53 6.70
N TYR A 524 -32.49 23.86 6.87
CA TYR A 524 -33.53 22.84 6.73
C TYR A 524 -33.61 22.31 5.30
N VAL A 525 -33.51 23.20 4.31
CA VAL A 525 -33.50 22.78 2.92
C VAL A 525 -32.30 21.90 2.61
N ASN A 526 -31.15 22.19 3.22
CA ASN A 526 -29.98 21.35 3.03
C ASN A 526 -30.20 19.96 3.60
N ALA A 527 -30.82 19.87 4.77
CA ALA A 527 -31.14 18.56 5.33
C ALA A 527 -32.06 17.79 4.40
N MET A 528 -33.11 18.45 3.91
CA MET A 528 -34.04 17.77 3.00
C MET A 528 -33.35 17.32 1.71
N PHE A 529 -32.47 18.17 1.17
CA PHE A 529 -31.73 17.80 -0.04
C PHE A 529 -30.83 16.60 0.21
N HIS A 530 -30.10 16.62 1.33
CA HIS A 530 -29.22 15.51 1.65
C HIS A 530 -29.99 14.22 1.85
N PHE A 531 -31.26 14.31 2.24
CA PHE A 531 -32.08 13.12 2.37
C PHE A 531 -32.71 12.68 1.04
N LEU A 532 -32.33 13.30 -0.08
CA LEU A 532 -32.95 13.02 -1.38
C LEU A 532 -31.94 12.49 -2.40
N SER A 533 -30.69 12.31 -1.99
CA SER A 533 -29.60 12.00 -2.93
C SER A 533 -29.63 10.54 -3.39
N GLY A 534 -30.71 10.18 -4.07
CA GLY A 534 -30.78 8.87 -4.68
C GLY A 534 -30.74 8.89 -6.20
N ILE A 535 -31.43 9.87 -6.79
CA ILE A 535 -31.49 10.02 -8.24
C ILE A 535 -30.11 10.37 -8.81
N PRO A 536 -29.36 11.31 -8.22
CA PRO A 536 -27.99 11.52 -8.70
C PRO A 536 -27.14 10.27 -8.64
N ARG A 537 -27.29 9.45 -7.60
CA ARG A 537 -26.48 8.24 -7.51
C ARG A 537 -26.89 7.23 -8.57
N LEU A 538 -28.18 7.12 -8.86
CA LEU A 538 -28.61 6.25 -9.95
C LEU A 538 -28.03 6.72 -11.28
N ILE A 539 -28.03 8.04 -11.51
CA ILE A 539 -27.46 8.56 -12.75
C ILE A 539 -25.97 8.28 -12.83
N PHE A 540 -25.27 8.44 -11.71
CA PHE A 540 -23.84 8.15 -11.66
C PHE A 540 -23.57 6.67 -11.96
N LEU A 541 -24.43 5.79 -11.45
CA LEU A 541 -24.25 4.37 -11.73
C LEU A 541 -24.54 4.03 -13.18
N THR A 542 -25.51 4.70 -13.79
CA THR A 542 -25.95 4.29 -15.13
C THR A 542 -25.12 4.92 -16.24
N ALA A 543 -24.53 6.09 -16.02
CA ALA A 543 -23.87 6.81 -17.12
C ALA A 543 -22.73 6.06 -17.79
N PRO A 544 -21.79 5.42 -17.07
CA PRO A 544 -20.74 4.68 -17.78
C PRO A 544 -21.30 3.62 -18.71
N LEU A 545 -22.41 2.98 -18.33
CA LEU A 545 -23.06 2.06 -19.24
C LEU A 545 -23.67 2.80 -20.42
N ALA A 546 -24.15 4.03 -20.21
CA ALA A 546 -24.66 4.83 -21.32
C ALA A 546 -23.58 5.08 -22.35
N PHE A 547 -22.32 5.11 -21.93
CA PHE A 547 -21.25 5.18 -22.93
C PHE A 547 -20.91 3.80 -23.48
N LEU A 548 -20.65 2.83 -22.60
CA LEU A 548 -20.05 1.57 -23.03
C LEU A 548 -21.01 0.72 -23.85
N LEU A 549 -22.31 0.78 -23.56
CA LEU A 549 -23.30 -0.01 -24.31
C LEU A 549 -23.78 0.73 -25.55
N LEU A 550 -24.34 1.92 -25.36
CA LEU A 550 -24.94 2.68 -26.46
C LEU A 550 -23.90 3.37 -27.34
N HIS A 551 -22.63 3.39 -26.93
CA HIS A 551 -21.57 4.07 -27.66
C HIS A 551 -21.88 5.55 -27.85
N ALA A 552 -22.53 6.14 -26.86
CA ALA A 552 -22.74 7.58 -26.85
C ALA A 552 -21.50 8.27 -26.31
N TYR A 553 -21.58 9.60 -26.20
CA TYR A 553 -20.47 10.43 -25.73
C TYR A 553 -20.96 11.42 -24.69
N ILE A 554 -21.64 10.88 -23.68
CA ILE A 554 -22.32 11.63 -22.63
C ILE A 554 -21.47 12.81 -22.15
N ILE A 555 -20.17 12.60 -22.00
CA ILE A 555 -19.25 13.68 -21.65
C ILE A 555 -18.22 13.77 -22.77
N TYR A 556 -18.39 14.76 -23.64
CA TYR A 556 -17.64 14.87 -24.89
C TYR A 556 -16.34 15.64 -24.62
N ALA A 557 -15.30 14.92 -24.22
CA ALA A 557 -14.00 15.52 -23.98
C ALA A 557 -12.95 14.42 -23.97
N PRO A 558 -11.70 14.75 -24.25
CA PRO A 558 -10.63 13.75 -24.11
C PRO A 558 -10.55 13.24 -22.68
N ALA A 559 -10.14 11.98 -22.55
CA ALA A 559 -10.14 11.33 -21.24
C ALA A 559 -9.22 12.05 -20.26
N LEU A 560 -8.02 12.41 -20.70
CA LEU A 560 -7.09 13.10 -19.82
C LEU A 560 -7.67 14.42 -19.33
N MET A 561 -8.27 15.20 -20.25
CA MET A 561 -8.99 16.40 -19.84
C MET A 561 -10.01 16.08 -18.75
N ILE A 562 -10.74 14.98 -18.92
CA ILE A 562 -11.72 14.56 -17.92
C ILE A 562 -11.05 14.40 -16.57
N ALA A 563 -9.87 13.77 -16.55
CA ALA A 563 -9.19 13.54 -15.29
C ALA A 563 -8.60 14.84 -14.73
N LEU A 564 -8.40 15.85 -15.58
CA LEU A 564 -7.72 17.05 -15.12
C LEU A 564 -8.68 18.12 -14.64
N PHE A 565 -9.99 17.89 -14.76
CA PHE A 565 -10.99 18.80 -14.20
C PHE A 565 -11.82 18.15 -13.09
N VAL A 566 -11.80 16.83 -12.99
CA VAL A 566 -12.67 16.10 -12.08
C VAL A 566 -11.93 15.69 -10.81
N LEU A 567 -10.75 15.09 -10.99
CA LEU A 567 -9.96 14.67 -9.84
C LEU A 567 -9.60 15.83 -8.94
N PRO A 568 -9.23 17.01 -9.44
CA PRO A 568 -9.10 18.16 -8.54
C PRO A 568 -10.35 18.41 -7.71
N HIS A 569 -11.53 18.28 -8.33
CA HIS A 569 -12.77 18.55 -7.63
C HIS A 569 -12.94 17.61 -6.44
N MET A 570 -12.83 16.29 -6.68
CA MET A 570 -13.04 15.41 -5.53
C MET A 570 -11.91 15.51 -4.52
N ILE A 571 -10.67 15.73 -4.97
CA ILE A 571 -9.56 15.84 -4.03
C ILE A 571 -9.78 17.02 -3.09
N HIS A 572 -10.11 18.19 -3.65
CA HIS A 572 -10.28 19.37 -2.80
C HIS A 572 -11.52 19.27 -1.94
N ALA A 573 -12.61 18.70 -2.48
CA ALA A 573 -13.80 18.51 -1.65
C ALA A 573 -13.50 17.61 -0.47
N SER A 574 -12.81 16.49 -0.71
CA SER A 574 -12.48 15.58 0.36
C SER A 574 -11.56 16.22 1.40
N LEU A 575 -10.54 16.95 0.93
CA LEU A 575 -9.61 17.57 1.86
C LEU A 575 -10.31 18.59 2.74
N THR A 576 -11.18 19.41 2.15
CA THR A 576 -11.85 20.45 2.92
C THR A 576 -12.85 19.84 3.89
N ASN A 577 -13.60 18.81 3.46
CA ASN A 577 -14.52 18.14 4.37
C ASN A 577 -13.77 17.48 5.52
N SER A 578 -12.60 16.89 5.23
CA SER A 578 -11.79 16.27 6.27
C SER A 578 -11.33 17.31 7.29
N LYS A 579 -10.90 18.48 6.82
CA LYS A 579 -10.53 19.54 7.75
C LYS A 579 -11.72 19.99 8.59
N ILE A 580 -12.89 20.14 7.97
CA ILE A 580 -14.04 20.64 8.72
C ILE A 580 -14.46 19.64 9.79
N GLN A 581 -14.58 18.37 9.43
CA GLN A 581 -14.94 17.36 10.42
C GLN A 581 -13.79 17.08 11.38
N GLY A 582 -12.55 17.12 10.89
CA GLY A 582 -11.40 16.87 11.72
C GLY A 582 -11.15 15.42 12.05
N LYS A 583 -11.75 14.49 11.32
CA LYS A 583 -11.63 13.08 11.64
C LYS A 583 -10.20 12.60 11.44
N TYR A 584 -9.78 11.65 12.29
CA TYR A 584 -8.44 11.09 12.20
C TYR A 584 -8.27 10.34 10.87
N ARG A 585 -9.27 9.56 10.49
CA ARG A 585 -9.27 8.86 9.21
C ARG A 585 -10.10 9.67 8.22
N HIS A 586 -9.51 9.99 7.08
CA HIS A 586 -10.13 10.96 6.16
C HIS A 586 -9.59 10.70 4.75
N SER A 587 -10.47 10.31 3.85
CA SER A 587 -10.06 10.02 2.47
C SER A 587 -11.30 9.82 1.62
N PHE A 588 -11.07 9.77 0.29
CA PHE A 588 -12.13 9.38 -0.62
C PHE A 588 -12.67 8.01 -0.27
N TRP A 589 -11.85 7.17 0.37
CA TRP A 589 -12.33 5.88 0.85
C TRP A 589 -13.37 6.08 1.95
N SER A 590 -13.06 6.91 2.94
CA SER A 590 -14.04 7.24 3.95
C SER A 590 -15.31 7.80 3.30
N GLU A 591 -15.16 8.61 2.24
CA GLU A 591 -16.34 9.17 1.58
C GLU A 591 -17.14 8.10 0.86
N ILE A 592 -16.45 7.10 0.31
CA ILE A 592 -17.08 5.97 -0.34
C ILE A 592 -17.95 5.30 0.71
N TYR A 593 -17.47 5.32 1.95
CA TYR A 593 -18.22 4.65 3.01
C TYR A 593 -19.59 5.31 3.21
N GLU A 594 -19.66 6.65 3.30
CA GLU A 594 -20.99 7.24 3.47
C GLU A 594 -21.81 7.19 2.19
N THR A 595 -21.16 7.16 1.02
CA THR A 595 -21.96 7.03 -0.20
C THR A 595 -22.63 5.68 -0.27
N VAL A 596 -21.97 4.62 0.21
CA VAL A 596 -22.59 3.31 0.18
C VAL A 596 -23.59 3.16 1.32
N LEU A 597 -23.38 3.84 2.45
CA LEU A 597 -24.44 3.81 3.46
C LEU A 597 -25.53 4.83 3.22
N ALA A 598 -25.42 5.65 2.18
CA ALA A 598 -26.50 6.52 1.77
C ALA A 598 -27.23 6.03 0.54
N TRP A 599 -26.62 5.16 -0.26
CA TRP A 599 -27.34 4.52 -1.35
C TRP A 599 -28.28 3.45 -0.83
N TYR A 600 -28.06 2.97 0.39
CA TYR A 600 -28.88 1.90 0.95
C TYR A 600 -30.27 2.40 1.34
N ILE A 601 -30.38 3.63 1.85
CA ILE A 601 -31.69 4.18 2.20
C ILE A 601 -32.30 4.94 1.04
N ALA A 602 -31.82 4.73 -0.18
CA ALA A 602 -32.45 5.37 -1.34
C ALA A 602 -33.94 5.08 -1.44
N PRO A 603 -34.41 3.83 -1.40
CA PRO A 603 -35.84 3.57 -1.52
C PRO A 603 -36.72 3.78 -0.30
N PRO A 604 -36.30 3.71 0.99
CA PRO A 604 -37.20 4.30 2.01
C PRO A 604 -37.49 5.78 1.80
N THR A 605 -36.46 6.59 1.54
CA THR A 605 -36.70 8.01 1.29
C THR A 605 -37.54 8.22 0.05
N LEU A 606 -37.28 7.47 -1.02
CA LEU A 606 -38.08 7.63 -2.23
C LEU A 606 -39.52 7.18 -2.02
N VAL A 607 -39.75 6.13 -1.24
CA VAL A 607 -41.11 5.69 -0.95
C VAL A 607 -41.83 6.71 -0.09
N ALA A 608 -41.09 7.40 0.79
CA ALA A 608 -41.70 8.43 1.63
C ALA A 608 -42.43 9.47 0.78
N LEU A 609 -41.92 9.74 -0.42
CA LEU A 609 -42.60 10.65 -1.34
C LEU A 609 -43.73 9.93 -2.07
N VAL A 631 -32.14 -4.38 2.96
CA VAL A 631 -32.54 -5.66 3.51
C VAL A 631 -33.50 -6.37 2.56
N ASP A 632 -34.41 -5.60 1.97
CA ASP A 632 -35.42 -6.17 1.09
C ASP A 632 -35.11 -5.92 -0.38
N TRP A 633 -34.72 -4.69 -0.73
CA TRP A 633 -34.51 -4.38 -2.14
C TRP A 633 -33.17 -4.88 -2.66
N VAL A 634 -32.12 -4.85 -1.83
CA VAL A 634 -30.77 -5.12 -2.31
C VAL A 634 -30.64 -6.48 -2.97
N ILE A 635 -31.60 -7.38 -2.76
CA ILE A 635 -31.62 -8.67 -3.40
C ILE A 635 -32.72 -8.78 -4.45
N SER A 636 -33.73 -7.90 -4.40
CA SER A 636 -34.84 -7.94 -5.34
C SER A 636 -34.35 -7.73 -6.77
N ARG A 637 -35.27 -7.97 -7.72
CA ARG A 637 -34.88 -7.97 -9.13
C ARG A 637 -34.33 -6.62 -9.59
N PRO A 638 -35.00 -5.47 -9.37
CA PRO A 638 -34.51 -4.21 -9.94
C PRO A 638 -33.10 -3.81 -9.52
N TYR A 639 -32.49 -4.57 -8.62
CA TYR A 639 -31.14 -4.28 -8.15
C TYR A 639 -30.08 -5.16 -8.80
N ILE A 640 -30.26 -6.48 -8.74
CA ILE A 640 -29.37 -7.37 -9.48
C ILE A 640 -29.47 -7.11 -10.98
N PHE A 641 -30.59 -6.56 -11.44
CA PHE A 641 -30.72 -6.11 -12.82
C PHE A 641 -29.66 -5.05 -13.11
N LEU A 642 -29.57 -4.04 -12.24
CA LEU A 642 -28.56 -2.99 -12.39
C LEU A 642 -27.16 -3.55 -12.29
N VAL A 643 -26.94 -4.47 -11.34
CA VAL A 643 -25.61 -5.05 -11.16
C VAL A 643 -25.21 -5.82 -12.42
N LEU A 644 -26.15 -6.55 -13.02
CA LEU A 644 -25.85 -7.31 -14.23
C LEU A 644 -25.57 -6.38 -15.41
N LEU A 645 -26.26 -5.25 -15.50
CA LEU A 645 -25.89 -4.27 -16.52
C LEU A 645 -24.49 -3.75 -16.31
N ASN A 646 -24.15 -3.39 -15.07
CA ASN A 646 -22.78 -2.95 -14.79
C ASN A 646 -21.77 -4.03 -15.09
N LEU A 647 -22.17 -5.30 -14.99
CA LEU A 647 -21.25 -6.40 -15.25
C LEU A 647 -21.04 -6.62 -16.74
N VAL A 648 -22.13 -6.64 -17.52
CA VAL A 648 -21.99 -6.81 -18.96
C VAL A 648 -21.30 -5.60 -19.55
N GLY A 649 -21.41 -4.45 -18.90
CA GLY A 649 -20.67 -3.28 -19.34
C GLY A 649 -19.17 -3.53 -19.32
N VAL A 650 -18.69 -4.28 -18.35
CA VAL A 650 -17.26 -4.57 -18.25
C VAL A 650 -16.81 -5.43 -19.43
N ALA A 651 -17.57 -6.47 -19.76
CA ALA A 651 -17.21 -7.33 -20.89
C ALA A 651 -17.29 -6.57 -22.21
N VAL A 652 -18.34 -5.76 -22.38
CA VAL A 652 -18.43 -4.94 -23.58
C VAL A 652 -17.26 -3.96 -23.65
N GLY A 653 -16.85 -3.44 -22.50
CA GLY A 653 -15.71 -2.54 -22.48
C GLY A 653 -14.42 -3.22 -22.85
N ILE A 654 -14.24 -4.47 -22.43
CA ILE A 654 -13.08 -5.24 -22.88
C ILE A 654 -13.13 -5.43 -24.39
N TRP A 655 -14.32 -5.69 -24.92
CA TRP A 655 -14.50 -5.78 -26.36
C TRP A 655 -14.09 -4.50 -27.06
N ARG A 656 -14.53 -3.35 -26.54
CA ARG A 656 -14.15 -2.06 -27.13
C ARG A 656 -12.65 -1.83 -27.01
N TYR A 657 -12.06 -2.25 -25.89
CA TYR A 657 -10.63 -2.07 -25.67
C TYR A 657 -9.83 -2.85 -26.70
N PHE A 658 -10.27 -4.06 -27.04
CA PHE A 658 -9.53 -4.86 -28.00
C PHE A 658 -10.01 -4.68 -29.43
N TYR A 659 -11.33 -4.64 -29.65
CA TYR A 659 -11.89 -4.64 -31.00
C TYR A 659 -12.37 -3.28 -31.49
N GLY A 660 -12.45 -2.28 -30.61
CA GLY A 660 -12.82 -0.96 -31.04
C GLY A 660 -11.63 -0.18 -31.55
N PRO A 661 -11.89 1.02 -32.06
CA PRO A 661 -10.80 1.86 -32.54
C PRO A 661 -9.89 2.26 -31.40
N PRO A 662 -8.58 2.38 -31.65
CA PRO A 662 -7.68 2.80 -30.58
C PRO A 662 -7.88 4.23 -30.13
N THR A 663 -8.41 5.10 -31.00
CA THR A 663 -8.54 6.51 -30.65
C THR A 663 -9.45 6.71 -29.44
N GLU A 664 -10.46 5.86 -29.28
CA GLU A 664 -11.36 5.93 -28.14
C GLU A 664 -10.93 5.06 -26.98
N MET A 665 -9.82 4.31 -27.13
CA MET A 665 -9.49 3.26 -26.19
C MET A 665 -9.38 3.78 -24.76
N LEU A 666 -8.64 4.87 -24.57
CA LEU A 666 -8.47 5.42 -23.23
C LEU A 666 -9.81 5.75 -22.58
N THR A 667 -10.74 6.31 -23.37
CA THR A 667 -12.06 6.60 -22.84
C THR A 667 -12.68 5.37 -22.20
N VAL A 668 -12.62 4.24 -22.91
CA VAL A 668 -13.16 3.00 -22.39
C VAL A 668 -12.54 2.68 -21.04
N VAL A 669 -11.21 2.82 -20.95
CA VAL A 669 -10.52 2.54 -19.69
C VAL A 669 -11.13 3.38 -18.57
N VAL A 670 -11.35 4.67 -18.84
CA VAL A 670 -11.94 5.54 -17.82
C VAL A 670 -13.25 4.96 -17.34
N SER A 671 -14.13 4.57 -18.27
CA SER A 671 -15.42 4.02 -17.87
C SER A 671 -15.22 2.78 -17.02
N MET A 672 -14.24 1.94 -17.38
CA MET A 672 -13.86 0.81 -16.53
C MET A 672 -13.79 1.23 -15.08
N VAL A 673 -12.92 2.20 -14.77
CA VAL A 673 -12.76 2.65 -13.39
C VAL A 673 -14.10 3.07 -12.83
N TRP A 674 -14.83 3.89 -13.58
CA TRP A 674 -16.15 4.33 -13.12
C TRP A 674 -17.02 3.13 -12.81
N VAL A 675 -17.12 2.18 -13.74
CA VAL A 675 -17.94 1.00 -13.50
C VAL A 675 -17.42 0.26 -12.27
N PHE A 676 -16.10 0.13 -12.15
CA PHE A 676 -15.53 -0.53 -10.98
C PHE A 676 -16.02 0.15 -9.71
N TYR A 677 -15.99 1.49 -9.70
CA TYR A 677 -16.52 2.22 -8.56
C TYR A 677 -17.96 1.83 -8.30
N ASN A 678 -18.79 1.83 -9.34
CA ASN A 678 -20.17 1.39 -9.19
C ASN A 678 -20.21 -0.01 -8.62
N LEU A 679 -19.38 -0.90 -9.15
CA LEU A 679 -19.38 -2.28 -8.70
C LEU A 679 -19.06 -2.39 -7.23
N ILE A 680 -18.22 -1.49 -6.72
CA ILE A 680 -17.97 -1.46 -5.28
C ILE A 680 -19.21 -0.98 -4.54
N VAL A 681 -19.77 0.14 -5.00
CA VAL A 681 -20.84 0.79 -4.24
C VAL A 681 -22.04 -0.13 -4.11
N LEU A 682 -22.47 -0.71 -5.22
CA LEU A 682 -23.55 -1.69 -5.17
C LEU A 682 -23.19 -2.83 -4.24
N GLY A 683 -21.96 -3.34 -4.36
CA GLY A 683 -21.53 -4.41 -3.47
C GLY A 683 -21.51 -4.01 -2.02
N GLY A 684 -21.33 -2.72 -1.75
CA GLY A 684 -21.47 -2.24 -0.38
C GLY A 684 -22.91 -2.36 0.12
N ALA A 685 -23.87 -1.96 -0.70
CA ALA A 685 -25.25 -1.86 -0.24
C ALA A 685 -25.80 -3.21 0.19
N VAL A 686 -25.49 -4.27 -0.57
CA VAL A 686 -25.87 -5.60 -0.15
C VAL A 686 -25.16 -5.99 1.14
N ALA A 687 -23.86 -5.68 1.23
CA ALA A 687 -23.06 -6.14 2.36
C ALA A 687 -23.65 -5.66 3.68
N VAL A 688 -23.86 -4.35 3.81
CA VAL A 688 -24.43 -3.82 5.04
C VAL A 688 -25.79 -4.45 5.30
N SER A 689 -26.54 -4.74 4.24
CA SER A 689 -27.87 -5.31 4.39
C SER A 689 -27.84 -6.62 5.16
N VAL A 690 -26.74 -7.36 5.07
CA VAL A 690 -26.61 -8.57 5.85
C VAL A 690 -25.81 -8.36 7.13
N GLU A 691 -24.96 -7.34 7.19
CA GLU A 691 -24.22 -7.12 8.42
C GLU A 691 -25.00 -6.28 9.41
N SER A 692 -26.11 -5.68 8.96
CA SER A 692 -26.99 -4.96 9.88
C SER A 692 -27.62 -5.91 10.89
N LYS A 693 -28.02 -7.10 10.44
CA LYS A 693 -28.70 -8.08 11.29
C LYS A 693 -27.74 -9.16 11.79
N GLN A 694 -26.50 -8.80 12.10
CA GLN A 694 -25.52 -9.78 12.52
C GLN A 694 -24.83 -9.40 13.83
N VAL A 695 -24.95 -8.14 14.27
CA VAL A 695 -24.31 -7.72 15.51
C VAL A 695 -25.00 -8.39 16.69
N ARG A 696 -24.19 -8.98 17.58
CA ARG A 696 -24.71 -9.69 18.75
C ARG A 696 -24.26 -9.11 20.08
N ARG A 697 -23.15 -8.38 20.11
CA ARG A 697 -22.65 -7.86 21.39
C ARG A 697 -23.55 -6.75 21.91
N SER A 698 -23.48 -6.52 23.22
CA SER A 698 -24.28 -5.54 23.92
C SER A 698 -23.37 -4.48 24.54
N HIS A 699 -23.97 -3.65 25.38
CA HIS A 699 -23.25 -2.54 26.02
C HIS A 699 -22.06 -3.04 26.84
N ARG A 700 -20.85 -2.72 26.39
CA ARG A 700 -19.62 -3.10 27.08
C ARG A 700 -18.58 -2.03 26.78
N VAL A 701 -18.38 -1.11 27.73
CA VAL A 701 -17.40 -0.03 27.60
C VAL A 701 -16.25 -0.37 28.54
N GLU A 702 -15.06 -0.52 27.98
CA GLU A 702 -13.86 -0.86 28.74
C GLU A 702 -13.01 0.41 28.88
N MET A 703 -12.94 0.93 30.10
CA MET A 703 -12.16 2.13 30.37
C MET A 703 -11.32 1.89 31.62
N THR A 704 -10.14 2.50 31.66
CA THR A 704 -9.22 2.31 32.78
C THR A 704 -9.49 3.33 33.86
N MET A 705 -9.64 2.85 35.10
CA MET A 705 -9.85 3.72 36.25
C MET A 705 -9.35 2.99 37.49
N PRO A 706 -8.50 3.63 38.30
CA PRO A 706 -7.90 2.93 39.45
C PRO A 706 -8.85 2.73 40.62
N ALA A 707 -9.30 1.49 40.81
CA ALA A 707 -10.11 1.11 41.96
C ALA A 707 -9.23 0.38 42.97
N ALA A 708 -9.80 0.11 44.14
CA ALA A 708 -9.05 -0.59 45.17
C ALA A 708 -9.86 -1.77 45.68
N ILE A 709 -9.16 -2.83 46.10
CA ILE A 709 -9.80 -4.03 46.61
C ILE A 709 -9.16 -4.39 47.95
N ALA A 710 -9.99 -4.57 48.97
CA ALA A 710 -9.55 -5.06 50.26
C ALA A 710 -10.20 -6.42 50.54
N ARG A 711 -9.36 -7.40 50.90
CA ARG A 711 -9.83 -8.75 51.20
C ARG A 711 -10.62 -8.75 52.51
N GLU A 712 -11.05 -9.94 52.92
CA GLU A 712 -11.42 -10.13 54.32
C GLU A 712 -10.21 -9.97 55.22
N ASP A 713 -9.02 -10.23 54.70
CA ASP A 713 -7.78 -10.01 55.43
C ASP A 713 -7.37 -8.55 55.49
N GLY A 714 -8.03 -7.69 54.72
CA GLY A 714 -7.69 -6.28 54.69
C GLY A 714 -6.51 -5.91 53.82
N HIS A 715 -5.99 -6.84 53.04
CA HIS A 715 -4.88 -6.54 52.14
C HIS A 715 -5.37 -5.66 51.00
N LEU A 716 -4.89 -4.42 50.97
CA LEU A 716 -5.37 -3.43 50.01
C LEU A 716 -4.78 -3.72 48.63
N PHE A 717 -5.65 -4.03 47.67
CA PHE A 717 -5.25 -4.24 46.28
C PHE A 717 -5.86 -3.13 45.42
N SER A 718 -5.02 -2.18 45.02
CA SER A 718 -5.42 -1.24 43.97
C SER A 718 -5.57 -1.99 42.66
N CYS A 719 -6.64 -1.69 41.93
CA CYS A 719 -6.97 -2.44 40.73
C CYS A 719 -7.49 -1.48 39.66
N THR A 720 -7.66 -2.02 38.46
CA THR A 720 -8.24 -1.28 37.34
C THR A 720 -9.49 -2.00 36.88
N VAL A 721 -10.61 -1.29 36.81
CA VAL A 721 -11.87 -1.89 36.39
C VAL A 721 -11.87 -2.05 34.88
N GLN A 722 -11.97 -3.29 34.41
CA GLN A 722 -12.01 -3.55 32.98
C GLN A 722 -13.40 -3.32 32.41
N ASP A 723 -14.42 -3.96 32.97
CA ASP A 723 -15.79 -3.80 32.51
C ASP A 723 -16.72 -3.72 33.72
N PHE A 724 -17.90 -3.16 33.49
CA PHE A 724 -18.85 -2.93 34.58
C PHE A 724 -20.27 -3.04 34.06
N SER A 725 -21.18 -3.36 34.96
CA SER A 725 -22.60 -3.42 34.68
C SER A 725 -23.35 -3.50 36.01
N ASP A 726 -24.66 -3.32 35.95
CA ASP A 726 -25.48 -3.35 37.16
C ASP A 726 -25.35 -4.69 37.88
N GLY A 727 -25.07 -5.76 37.15
CA GLY A 727 -24.89 -7.05 37.80
C GLY A 727 -23.58 -7.20 38.54
N GLY A 728 -22.56 -6.43 38.15
CA GLY A 728 -21.27 -6.56 38.78
C GLY A 728 -20.16 -6.01 37.90
N LEU A 729 -18.93 -6.18 38.37
CA LEU A 729 -17.77 -5.59 37.73
C LEU A 729 -16.67 -6.62 37.54
N GLY A 730 -15.98 -6.52 36.41
CA GLY A 730 -14.80 -7.30 36.15
C GLY A 730 -13.58 -6.40 36.11
N ILE A 731 -12.61 -6.68 36.99
CA ILE A 731 -11.51 -5.77 37.28
C ILE A 731 -10.18 -6.48 37.03
N LYS A 732 -9.16 -5.67 36.80
CA LYS A 732 -7.78 -6.15 36.66
C LYS A 732 -6.98 -5.68 37.86
N ILE A 733 -6.37 -6.62 38.58
CA ILE A 733 -5.60 -6.30 39.77
C ILE A 733 -4.13 -6.37 39.43
N ASN A 734 -3.39 -5.32 39.79
CA ASN A 734 -1.96 -5.27 39.58
C ASN A 734 -1.26 -6.16 40.59
N GLY A 735 -0.50 -7.14 40.11
CA GLY A 735 0.21 -8.05 40.99
C GLY A 735 -0.52 -9.35 41.20
N GLN A 736 0.05 -10.17 42.08
CA GLN A 736 -0.46 -11.50 42.40
C GLN A 736 -1.30 -11.39 43.67
N ALA A 737 -2.61 -11.61 43.52
CA ALA A 737 -3.55 -11.58 44.64
C ALA A 737 -4.29 -12.90 44.68
N GLN A 738 -4.21 -13.60 45.82
CA GLN A 738 -4.85 -14.90 45.97
C GLN A 738 -6.28 -14.71 46.48
N ILE A 739 -7.09 -14.12 45.61
CA ILE A 739 -8.47 -13.79 45.94
C ILE A 739 -9.34 -15.02 45.67
N LEU A 740 -10.08 -15.45 46.68
CA LEU A 740 -10.93 -16.63 46.58
C LEU A 740 -12.37 -16.22 46.29
N GLU A 741 -13.06 -17.03 45.50
CA GLU A 741 -14.46 -16.78 45.19
C GLU A 741 -15.31 -16.92 46.44
N GLY A 742 -16.31 -16.05 46.57
CA GLY A 742 -17.16 -16.05 47.74
C GLY A 742 -16.62 -15.24 48.91
N GLN A 743 -15.43 -14.67 48.80
CA GLN A 743 -14.86 -13.88 49.88
C GLN A 743 -15.45 -12.47 49.88
N LYS A 744 -15.98 -12.06 51.03
CA LYS A 744 -16.56 -10.73 51.17
C LYS A 744 -15.46 -9.70 51.14
N VAL A 745 -15.44 -8.87 50.09
CA VAL A 745 -14.37 -7.91 49.89
C VAL A 745 -14.97 -6.51 49.82
N ASN A 746 -14.10 -5.51 49.96
CA ASN A 746 -14.48 -4.11 49.87
C ASN A 746 -13.88 -3.50 48.61
N LEU A 747 -14.73 -2.98 47.74
CA LEU A 747 -14.29 -2.28 46.54
C LEU A 747 -14.35 -0.78 46.79
N LEU A 748 -13.19 -0.13 46.74
CA LEU A 748 -13.11 1.31 46.90
C LEU A 748 -13.10 1.95 45.52
N LEU A 749 -14.11 2.80 45.27
CA LEU A 749 -14.28 3.49 44.01
C LEU A 749 -14.05 4.98 44.23
N LYS A 750 -13.43 5.63 43.26
CA LYS A 750 -13.00 7.02 43.39
C LYS A 750 -13.93 7.93 42.61
N ARG A 751 -14.52 8.91 43.30
CA ARG A 751 -15.33 9.96 42.69
C ARG A 751 -14.68 11.28 43.06
N GLY A 752 -13.89 11.84 42.15
CA GLY A 752 -13.14 13.04 42.45
C GLY A 752 -12.16 12.82 43.59
N GLN A 753 -12.28 13.65 44.64
CA GLN A 753 -11.47 13.49 45.84
C GLN A 753 -12.14 12.61 46.89
N GLN A 754 -13.32 12.08 46.60
CA GLN A 754 -14.05 11.23 47.53
C GLN A 754 -13.83 9.76 47.18
N GLU A 755 -13.83 8.92 48.21
CA GLU A 755 -13.70 7.48 48.06
C GLU A 755 -14.90 6.80 48.69
N TYR A 756 -15.55 5.91 47.94
CA TYR A 756 -16.74 5.22 48.41
C TYR A 756 -16.48 3.72 48.41
N VAL A 757 -16.85 3.08 49.52
CA VAL A 757 -16.59 1.65 49.73
C VAL A 757 -17.89 0.90 49.50
N PHE A 758 -17.86 -0.02 48.54
CA PHE A 758 -19.00 -0.88 48.25
C PHE A 758 -18.63 -2.33 48.58
N PRO A 759 -19.37 -3.02 49.43
CA PRO A 759 -19.05 -4.42 49.72
C PRO A 759 -19.54 -5.34 48.61
N THR A 760 -18.64 -6.18 48.12
CA THR A 760 -18.95 -7.09 47.03
C THR A 760 -18.54 -8.51 47.41
N GLN A 761 -19.04 -9.47 46.64
CA GLN A 761 -18.67 -10.87 46.81
C GLN A 761 -18.08 -11.37 45.50
N VAL A 762 -16.93 -12.03 45.58
CA VAL A 762 -16.23 -12.47 44.38
C VAL A 762 -16.94 -13.67 43.79
N ALA A 763 -17.39 -13.52 42.54
CA ALA A 763 -18.14 -14.58 41.86
C ALA A 763 -17.29 -15.34 40.85
N ARG A 764 -16.32 -14.68 40.23
CA ARG A 764 -15.49 -15.33 39.23
C ARG A 764 -14.10 -14.74 39.25
N VAL A 765 -13.09 -15.61 39.14
CA VAL A 765 -11.68 -15.20 39.11
C VAL A 765 -11.02 -15.83 37.90
N MET A 766 -10.61 -14.99 36.94
CA MET A 766 -9.80 -15.42 35.80
C MET A 766 -8.40 -14.84 36.00
N GLY A 767 -7.57 -15.55 36.78
CA GLY A 767 -6.24 -15.04 37.05
C GLY A 767 -6.30 -13.67 37.71
N ASN A 768 -5.67 -12.69 37.08
CA ASN A 768 -5.75 -11.31 37.55
C ASN A 768 -7.11 -10.67 37.28
N GLU A 769 -7.91 -11.24 36.38
CA GLU A 769 -9.24 -10.72 36.09
C GLU A 769 -10.22 -11.28 37.12
N VAL A 770 -10.77 -10.40 37.95
CA VAL A 770 -11.62 -10.80 39.07
C VAL A 770 -13.01 -10.22 38.85
N GLY A 771 -14.03 -11.07 38.97
CA GLY A 771 -15.40 -10.64 38.86
C GLY A 771 -16.05 -10.56 40.22
N LEU A 772 -16.70 -9.43 40.49
CA LEU A 772 -17.34 -9.17 41.77
C LEU A 772 -18.81 -8.83 41.54
N LYS A 773 -19.66 -9.34 42.42
CA LYS A 773 -21.10 -9.14 42.34
C LYS A 773 -21.57 -8.37 43.57
N LEU A 774 -22.64 -7.60 43.39
CA LEU A 774 -23.14 -6.71 44.42
C LEU A 774 -24.23 -7.37 45.24
N MET A 775 -24.13 -7.23 46.55
CA MET A 775 -25.20 -7.58 47.48
C MET A 775 -26.27 -6.48 47.44
N PRO A 776 -27.51 -6.79 47.88
CA PRO A 776 -28.60 -5.82 47.74
C PRO A 776 -28.28 -4.44 48.29
N LEU A 777 -28.18 -3.46 47.39
CA LEU A 777 -27.73 -2.13 47.73
C LEU A 777 -28.89 -1.27 48.22
N THR A 778 -28.56 -0.05 48.62
CA THR A 778 -29.55 0.92 49.08
C THR A 778 -29.67 2.05 48.06
N THR A 779 -30.65 2.93 48.31
CA THR A 779 -30.90 4.03 47.40
C THR A 779 -29.68 4.93 47.28
N GLN A 780 -29.14 5.37 48.42
CA GLN A 780 -27.95 6.21 48.39
C GLN A 780 -26.77 5.46 47.80
N GLN A 781 -26.63 4.18 48.16
CA GLN A 781 -25.57 3.35 47.58
C GLN A 781 -25.73 3.23 46.08
N HIS A 782 -26.97 3.05 45.61
CA HIS A 782 -27.21 2.95 44.16
C HIS A 782 -26.82 4.24 43.46
N ILE A 783 -27.22 5.39 44.03
CA ILE A 783 -26.88 6.66 43.42
C ILE A 783 -25.37 6.85 43.37
N ASP A 784 -24.68 6.53 44.47
CA ASP A 784 -23.23 6.66 44.49
C ASP A 784 -22.58 5.74 43.45
N PHE A 785 -23.09 4.51 43.32
CA PHE A 785 -22.53 3.58 42.35
C PHE A 785 -22.71 4.09 40.94
N VAL A 786 -23.89 4.61 40.61
CA VAL A 786 -24.12 5.10 39.26
C VAL A 786 -23.30 6.36 39.00
N GLN A 787 -23.05 7.16 40.03
CA GLN A 787 -22.24 8.37 39.84
C GLN A 787 -20.77 8.00 39.63
N CYS A 788 -20.27 7.03 40.38
CA CYS A 788 -18.87 6.63 40.24
C CYS A 788 -18.62 5.79 38.99
N THR A 789 -19.63 5.13 38.45
CA THR A 789 -19.44 4.25 37.31
C THR A 789 -19.84 4.88 35.99
N PHE A 790 -21.10 5.31 35.86
CA PHE A 790 -21.64 5.77 34.59
C PHE A 790 -21.63 7.29 34.45
N ALA A 791 -21.94 8.02 35.52
CA ALA A 791 -21.99 9.48 35.44
C ALA A 791 -20.60 10.07 35.59
N ARG A 792 -19.65 9.59 34.80
CA ARG A 792 -18.29 10.09 34.86
C ARG A 792 -18.18 11.38 34.03
N ALA A 793 -17.06 12.09 34.23
CA ALA A 793 -16.79 13.32 33.51
C ALA A 793 -16.24 13.09 32.12
N ASP A 794 -16.38 11.89 31.57
CA ASP A 794 -15.89 11.58 30.23
C ASP A 794 -16.69 12.33 29.17
N LEU A 809 -4.36 4.21 1.97
CA LEU A 809 -4.28 3.03 1.12
C LEU A 809 -4.92 1.82 1.80
N GLU A 810 -4.89 1.82 3.14
CA GLU A 810 -5.49 0.71 3.88
C GLU A 810 -7.01 0.73 3.76
N SER A 811 -7.62 1.91 3.91
CA SER A 811 -9.07 2.00 3.83
C SER A 811 -9.59 1.62 2.45
N LEU A 812 -8.80 1.88 1.41
CA LEU A 812 -9.17 1.39 0.08
C LEU A 812 -9.25 -0.13 0.07
N LEU A 813 -8.28 -0.79 0.70
CA LEU A 813 -8.33 -2.24 0.81
C LEU A 813 -9.55 -2.68 1.61
N ASP A 814 -9.86 -1.99 2.70
CA ASP A 814 -11.01 -2.38 3.51
C ASP A 814 -12.31 -2.28 2.70
N ILE A 815 -12.45 -1.21 1.92
CA ILE A 815 -13.65 -1.06 1.10
C ILE A 815 -13.69 -2.10 -0.01
N LEU A 816 -12.52 -2.46 -0.56
CA LEU A 816 -12.48 -3.55 -1.53
C LEU A 816 -12.97 -4.85 -0.90
N LYS A 817 -12.53 -5.15 0.33
CA LYS A 817 -13.03 -6.34 1.02
C LYS A 817 -14.52 -6.24 1.29
N LEU A 818 -15.01 -5.05 1.63
CA LEU A 818 -16.43 -4.87 1.88
C LEU A 818 -17.25 -5.16 0.62
N GLY A 819 -16.80 -4.62 -0.52
CA GLY A 819 -17.50 -4.90 -1.76
C GLY A 819 -17.43 -6.36 -2.16
N PHE A 820 -16.26 -6.98 -1.98
CA PHE A 820 -16.13 -8.39 -2.29
C PHE A 820 -17.05 -9.25 -1.42
N ARG A 821 -17.13 -8.94 -0.12
CA ARG A 821 -17.99 -9.73 0.76
C ARG A 821 -19.46 -9.47 0.44
N GLY A 822 -19.79 -8.26 0.01
CA GLY A 822 -21.16 -8.02 -0.45
C GLY A 822 -21.50 -8.85 -1.67
N TYR A 823 -20.58 -8.95 -2.62
CA TYR A 823 -20.85 -9.76 -3.81
C TYR A 823 -20.92 -11.25 -3.46
N ARG A 824 -20.09 -11.70 -2.53
CA ARG A 824 -20.16 -13.09 -2.09
C ARG A 824 -21.50 -13.39 -1.44
N HIS A 825 -21.98 -12.49 -0.57
CA HIS A 825 -23.29 -12.70 0.03
C HIS A 825 -24.39 -12.64 -1.02
N LEU A 826 -24.24 -11.76 -2.02
CA LEU A 826 -25.22 -11.71 -3.10
C LEU A 826 -25.29 -13.03 -3.84
N ALA A 827 -24.12 -13.63 -4.11
CA ALA A 827 -24.09 -14.95 -4.72
C ALA A 827 -24.69 -16.00 -3.79
N GLU A 828 -24.61 -15.78 -2.48
CA GLU A 828 -25.17 -16.75 -1.54
C GLU A 828 -26.70 -16.66 -1.47
N PHE A 829 -27.26 -15.47 -1.59
CA PHE A 829 -28.65 -15.24 -1.23
C PHE A 829 -29.55 -14.76 -2.37
N ALA A 830 -28.99 -14.45 -3.54
CA ALA A 830 -29.81 -13.97 -4.65
C ALA A 830 -30.68 -15.09 -5.18
N PRO A 831 -31.60 -14.79 -6.10
CA PRO A 831 -32.30 -15.88 -6.81
C PRO A 831 -31.32 -16.73 -7.59
N SER A 832 -31.70 -18.00 -7.79
CA SER A 832 -30.77 -18.97 -8.37
C SER A 832 -30.30 -18.55 -9.75
N SER A 833 -31.22 -18.05 -10.59
CA SER A 833 -30.90 -17.69 -11.96
C SER A 833 -29.77 -16.67 -12.03
N VAL A 834 -29.65 -15.80 -11.02
CA VAL A 834 -28.50 -14.93 -10.91
C VAL A 834 -27.52 -15.40 -9.83
N LYS A 835 -27.95 -16.30 -8.93
CA LYS A 835 -27.02 -16.92 -8.00
C LYS A 835 -25.85 -17.54 -8.74
N GLY A 836 -26.12 -18.27 -9.82
CA GLY A 836 -25.05 -18.93 -10.53
C GLY A 836 -24.04 -17.95 -11.10
N ILE A 837 -24.54 -16.90 -11.75
CA ILE A 837 -23.66 -15.91 -12.36
C ILE A 837 -22.81 -15.21 -11.31
N PHE A 838 -23.42 -14.86 -10.18
CA PHE A 838 -22.66 -14.16 -9.15
C PHE A 838 -21.64 -15.08 -8.50
N ARG A 839 -21.96 -16.36 -8.34
CA ARG A 839 -20.99 -17.31 -7.83
C ARG A 839 -19.80 -17.43 -8.75
N VAL A 840 -20.06 -17.54 -10.05
CA VAL A 840 -18.97 -17.62 -11.03
C VAL A 840 -18.11 -16.36 -10.96
N LEU A 841 -18.75 -15.19 -10.90
CA LEU A 841 -18.01 -13.94 -10.85
C LEU A 841 -17.12 -13.86 -9.61
N THR A 842 -17.65 -14.25 -8.46
CA THR A 842 -16.85 -14.25 -7.24
C THR A 842 -15.67 -15.21 -7.37
N SER A 843 -15.90 -16.36 -8.00
CA SER A 843 -14.82 -17.33 -8.17
C SER A 843 -13.68 -16.74 -9.00
N LEU A 844 -13.99 -16.19 -10.18
CA LEU A 844 -12.90 -15.60 -10.96
C LEU A 844 -12.31 -14.35 -10.33
N VAL A 845 -13.09 -13.60 -9.54
CA VAL A 845 -12.51 -12.43 -8.88
C VAL A 845 -11.46 -12.88 -7.87
N SER A 846 -11.78 -13.93 -7.09
CA SER A 846 -10.80 -14.47 -6.15
C SER A 846 -9.59 -15.02 -6.89
N TRP A 847 -9.81 -15.71 -8.02
CA TRP A 847 -8.70 -16.25 -8.78
C TRP A 847 -7.80 -15.13 -9.30
N VAL A 848 -8.38 -14.04 -9.77
CA VAL A 848 -7.59 -12.92 -10.27
C VAL A 848 -6.81 -12.27 -9.14
N VAL A 849 -7.46 -12.06 -7.99
CA VAL A 849 -6.77 -11.49 -6.83
C VAL A 849 -5.65 -12.38 -6.35
N SER A 850 -5.74 -13.69 -6.62
CA SER A 850 -4.72 -14.62 -6.14
C SER A 850 -3.32 -14.31 -6.63
N PHE A 851 -3.18 -13.59 -7.75
CA PHE A 851 -1.86 -13.28 -8.29
C PHE A 851 -1.34 -11.90 -7.87
N ILE A 852 -2.10 -11.13 -7.09
CA ILE A 852 -1.73 -9.75 -6.78
C ILE A 852 -0.51 -9.74 -5.87
N PRO A 853 0.51 -8.93 -6.15
CA PRO A 853 1.68 -8.87 -5.26
C PRO A 853 1.30 -8.37 -3.89
N ARG A 854 2.01 -8.88 -2.88
CA ARG A 854 1.75 -8.52 -1.49
C ARG A 854 3.07 -8.26 -0.78
N ARG A 855 3.02 -7.33 0.19
CA ARG A 855 4.22 -6.93 0.92
C ARG A 855 4.61 -7.98 1.95
N SER B 12 23.01 -68.07 -4.43
CA SER B 12 22.08 -67.25 -3.65
C SER B 12 21.48 -66.14 -4.51
N SER B 13 21.21 -64.99 -3.89
CA SER B 13 20.60 -63.89 -4.62
C SER B 13 21.54 -63.35 -5.68
N LEU B 14 21.01 -63.09 -6.87
CA LEU B 14 21.81 -62.60 -7.98
C LEU B 14 21.61 -61.10 -8.24
N TRP B 15 20.35 -60.67 -8.34
CA TRP B 15 20.03 -59.33 -8.82
C TRP B 15 20.68 -58.25 -7.97
N GLN B 16 21.04 -58.56 -6.73
CA GLN B 16 21.64 -57.59 -5.83
C GLN B 16 23.03 -57.13 -6.28
N TYR B 17 23.65 -57.81 -7.24
CA TYR B 17 25.00 -57.47 -7.66
C TYR B 17 25.05 -56.59 -8.90
N TRP B 18 23.89 -56.15 -9.41
CA TRP B 18 23.84 -55.31 -10.62
C TRP B 18 24.11 -53.86 -10.21
N ARG B 19 25.39 -53.53 -10.05
CA ARG B 19 25.80 -52.18 -9.73
C ARG B 19 26.09 -51.33 -10.95
N GLY B 20 25.97 -51.88 -12.15
CA GLY B 20 26.29 -51.16 -13.37
C GLY B 20 27.74 -51.32 -13.78
N LEU B 21 28.07 -50.75 -14.93
CA LEU B 21 29.43 -50.86 -15.45
C LEU B 21 30.44 -50.10 -14.61
N SER B 22 29.99 -49.10 -13.85
CA SER B 22 30.89 -48.24 -13.07
C SER B 22 31.95 -47.61 -13.95
N GLY B 23 33.22 -47.86 -13.63
CA GLY B 23 34.31 -47.24 -14.36
C GLY B 23 34.25 -47.54 -15.85
N TRP B 24 33.91 -48.79 -16.20
CA TRP B 24 33.85 -49.17 -17.60
C TRP B 24 32.93 -48.26 -18.39
N ASN B 25 31.90 -47.72 -17.73
CA ASN B 25 30.98 -46.81 -18.42
C ASN B 25 31.76 -45.70 -19.11
N PHE B 26 32.66 -45.04 -18.38
CA PHE B 26 33.46 -43.99 -18.98
C PHE B 26 34.18 -44.52 -20.21
N TYR B 27 34.86 -45.66 -20.06
CA TYR B 27 35.58 -46.26 -21.17
C TYR B 27 34.66 -46.43 -22.37
N PHE B 28 33.46 -46.97 -22.14
CA PHE B 28 32.52 -47.16 -23.25
C PHE B 28 32.19 -45.83 -23.91
N LEU B 29 31.89 -44.81 -23.11
CA LEU B 29 31.59 -43.51 -23.67
C LEU B 29 32.79 -42.98 -24.44
N VAL B 30 34.00 -43.23 -23.93
CA VAL B 30 35.20 -42.83 -24.67
C VAL B 30 35.17 -43.43 -26.07
N LYS B 31 34.87 -44.73 -26.16
CA LYS B 31 34.77 -45.35 -27.47
C LYS B 31 33.72 -44.67 -28.32
N PHE B 32 32.56 -44.36 -27.72
CA PHE B 32 31.53 -43.65 -28.47
C PHE B 32 32.08 -42.35 -29.04
N GLY B 33 32.86 -41.63 -28.25
CA GLY B 33 33.48 -40.42 -28.77
C GLY B 33 34.35 -40.73 -29.96
N LEU B 34 35.24 -41.72 -29.83
CA LEU B 34 36.07 -42.10 -30.96
C LEU B 34 35.24 -42.70 -32.08
N LEU B 35 34.05 -43.20 -31.76
CA LEU B 35 33.15 -43.66 -32.80
C LEU B 35 32.48 -42.47 -33.50
N TRP B 36 32.17 -41.40 -32.76
CA TRP B 36 31.53 -40.26 -33.40
C TRP B 36 32.57 -39.38 -34.09
N ALA B 37 33.82 -39.43 -33.64
CA ALA B 37 34.90 -38.72 -34.32
C ALA B 37 35.44 -39.49 -35.50
N GLY B 38 35.08 -40.77 -35.66
CA GLY B 38 35.49 -41.54 -36.81
C GLY B 38 36.91 -42.07 -36.76
N TYR B 39 37.58 -41.98 -35.62
CA TYR B 39 38.96 -42.43 -35.52
C TYR B 39 39.08 -43.88 -35.05
N LEU B 40 37.96 -44.56 -34.78
CA LEU B 40 37.98 -45.92 -34.28
C LEU B 40 36.93 -46.75 -35.02
N ASN B 41 37.20 -48.05 -35.13
CA ASN B 41 36.30 -48.98 -35.83
C ASN B 41 35.61 -49.84 -34.76
N PHE B 42 34.37 -49.46 -34.44
CA PHE B 42 33.64 -50.10 -33.35
C PHE B 42 33.21 -51.51 -33.73
N HIS B 43 33.41 -52.45 -32.81
CA HIS B 43 32.95 -53.82 -32.96
C HIS B 43 31.82 -54.07 -31.97
N PRO B 44 30.56 -54.11 -32.41
CA PRO B 44 29.46 -54.35 -31.45
C PRO B 44 29.58 -55.66 -30.70
N LEU B 45 30.07 -56.72 -31.37
CA LEU B 45 30.09 -58.04 -30.76
C LEU B 45 31.05 -58.09 -29.58
N LEU B 46 32.33 -57.77 -29.81
CA LEU B 46 33.32 -57.85 -28.75
C LEU B 46 33.02 -56.84 -27.64
N ASN B 47 32.59 -55.64 -28.00
CA ASN B 47 32.28 -54.64 -26.98
C ASN B 47 31.11 -55.07 -26.10
N LEU B 48 30.04 -55.59 -26.71
CA LEU B 48 28.91 -56.06 -25.93
C LEU B 48 29.29 -57.28 -25.08
N VAL B 49 30.15 -58.14 -25.62
CA VAL B 49 30.62 -59.28 -24.85
C VAL B 49 31.41 -58.82 -23.63
N PHE B 50 32.28 -57.83 -23.82
CA PHE B 50 33.05 -57.30 -22.70
C PHE B 50 32.12 -56.67 -21.67
N ALA B 51 31.11 -55.94 -22.12
CA ALA B 51 30.15 -55.32 -21.22
C ALA B 51 29.42 -56.38 -20.40
N ALA B 52 28.95 -57.45 -21.05
CA ALA B 52 28.25 -58.51 -20.33
C ALA B 52 29.18 -59.23 -19.36
N PHE B 53 30.43 -59.46 -19.77
CA PHE B 53 31.40 -60.13 -18.91
C PHE B 53 31.69 -59.31 -17.65
N LEU B 54 31.78 -57.99 -17.79
CA LEU B 54 31.96 -57.15 -16.60
C LEU B 54 30.67 -56.97 -15.80
N LEU B 55 29.51 -57.11 -16.45
CA LEU B 55 28.22 -56.94 -15.79
C LEU B 55 27.70 -58.20 -15.14
N MET B 56 28.37 -59.34 -15.31
CA MET B 56 27.86 -60.59 -14.78
C MET B 56 27.90 -60.57 -13.25
N PRO B 57 26.78 -60.80 -12.58
CA PRO B 57 26.77 -60.77 -11.11
C PRO B 57 27.50 -61.95 -10.49
N LEU B 58 28.69 -61.71 -9.95
CA LEU B 58 29.48 -62.75 -9.31
C LEU B 58 29.40 -62.60 -7.81
N PRO B 59 28.88 -63.58 -7.07
CA PRO B 59 28.69 -63.39 -5.62
C PRO B 59 29.96 -63.09 -4.85
N ARG B 60 31.10 -63.63 -5.27
CA ARG B 60 32.34 -63.43 -4.53
C ARG B 60 32.92 -62.05 -4.81
N TYR B 61 33.43 -61.40 -3.76
CA TYR B 61 34.28 -60.24 -3.95
C TYR B 61 35.62 -60.63 -4.54
N SER B 62 36.14 -61.79 -4.14
CA SER B 62 37.38 -62.29 -4.72
C SER B 62 37.23 -62.54 -6.21
N LEU B 63 36.10 -63.13 -6.62
CA LEU B 63 35.84 -63.28 -8.05
C LEU B 63 35.71 -61.93 -8.75
N HIS B 64 35.13 -60.94 -8.07
CA HIS B 64 35.02 -59.60 -8.64
C HIS B 64 36.40 -59.02 -8.92
N ARG B 65 37.29 -59.04 -7.92
CA ARG B 65 38.64 -58.50 -8.12
C ARG B 65 39.42 -59.31 -9.14
N LEU B 66 39.27 -60.63 -9.13
CA LEU B 66 39.96 -61.47 -10.09
C LEU B 66 39.48 -61.19 -11.51
N ARG B 67 38.17 -60.97 -11.68
CA ARG B 67 37.65 -60.61 -13.00
C ARG B 67 38.18 -59.27 -13.45
N HIS B 68 38.28 -58.29 -12.55
CA HIS B 68 38.88 -57.01 -12.94
C HIS B 68 40.33 -57.20 -13.35
N TRP B 69 41.09 -58.00 -12.60
CA TRP B 69 42.48 -58.25 -12.92
C TRP B 69 42.64 -58.95 -14.26
N ILE B 70 41.75 -59.88 -14.58
CA ILE B 70 41.80 -60.55 -15.88
C ILE B 70 41.38 -59.61 -17.00
N ALA B 71 40.35 -58.79 -16.75
CA ALA B 71 39.76 -57.97 -17.79
C ALA B 71 40.61 -56.77 -18.18
N LEU B 72 41.37 -56.21 -17.23
CA LEU B 72 42.16 -55.03 -17.56
C LEU B 72 43.14 -55.25 -18.70
N PRO B 73 43.97 -56.31 -18.70
CA PRO B 73 44.81 -56.55 -19.89
C PRO B 73 44.00 -56.99 -21.10
N ILE B 74 42.92 -57.75 -20.89
CA ILE B 74 42.04 -58.10 -22.00
C ILE B 74 41.41 -56.85 -22.60
N GLY B 75 40.98 -55.93 -21.74
CA GLY B 75 40.44 -54.67 -22.24
C GLY B 75 41.47 -53.86 -23.00
N PHE B 76 42.71 -53.83 -22.50
CA PHE B 76 43.77 -53.12 -23.21
C PHE B 76 44.01 -53.73 -24.58
N ALA B 77 44.06 -55.07 -24.65
CA ALA B 77 44.27 -55.74 -25.93
C ALA B 77 43.11 -55.48 -26.89
N LEU B 78 41.88 -55.46 -26.36
CA LEU B 78 40.73 -55.15 -27.20
C LEU B 78 40.82 -53.73 -27.75
N PHE B 79 41.21 -52.77 -26.91
CA PHE B 79 41.37 -51.40 -27.36
C PHE B 79 42.44 -51.31 -28.44
N TRP B 80 43.56 -52.01 -28.25
CA TRP B 80 44.61 -52.03 -29.27
C TRP B 80 44.10 -52.63 -30.57
N HIS B 81 43.32 -53.72 -30.48
CA HIS B 81 42.84 -54.38 -31.69
C HIS B 81 41.84 -53.50 -32.44
N ASP B 82 41.06 -52.71 -31.70
CA ASP B 82 40.08 -51.85 -32.36
C ASP B 82 40.72 -50.70 -33.12
N THR B 83 42.00 -50.41 -32.86
CA THR B 83 42.72 -49.38 -33.59
C THR B 83 43.28 -49.96 -34.89
N TRP B 84 43.87 -49.08 -35.70
CA TRP B 84 44.46 -49.47 -36.96
C TRP B 84 45.97 -49.69 -36.87
N LEU B 85 46.52 -49.71 -35.67
CA LEU B 85 47.94 -50.01 -35.47
C LEU B 85 48.19 -51.48 -35.79
N PRO B 86 49.45 -51.86 -36.05
CA PRO B 86 49.75 -53.27 -36.35
C PRO B 86 49.34 -54.18 -35.21
N GLY B 87 48.93 -55.40 -35.57
CA GLY B 87 48.39 -56.33 -34.61
C GLY B 87 49.41 -56.74 -33.55
N PRO B 88 48.92 -57.27 -32.43
CA PRO B 88 49.82 -57.59 -31.32
C PRO B 88 50.92 -58.58 -31.68
N GLU B 89 50.63 -59.54 -32.57
CA GLU B 89 51.66 -60.49 -32.98
C GLU B 89 52.75 -59.79 -33.80
N SER B 90 52.35 -58.90 -34.70
CA SER B 90 53.33 -58.18 -35.52
C SER B 90 54.22 -57.30 -34.65
N ILE B 91 53.62 -56.58 -33.70
CA ILE B 91 54.42 -55.73 -32.82
C ILE B 91 55.29 -56.58 -31.90
N MET B 92 54.81 -57.76 -31.51
CA MET B 92 55.65 -58.65 -30.70
C MET B 92 56.87 -59.09 -31.51
N SER B 93 56.68 -59.40 -32.79
CA SER B 93 57.81 -59.78 -33.64
C SER B 93 58.77 -58.61 -33.88
N GLN B 94 58.23 -57.40 -34.00
CA GLN B 94 59.04 -56.23 -34.34
C GLN B 94 59.49 -55.44 -33.11
N GLY B 95 59.23 -55.94 -31.90
CA GLY B 95 59.64 -55.23 -30.70
C GLY B 95 61.13 -55.01 -30.62
N SER B 96 61.92 -55.97 -31.10
CA SER B 96 63.37 -55.81 -31.08
C SER B 96 63.80 -54.59 -31.89
N GLN B 97 63.28 -54.45 -33.11
CA GLN B 97 63.60 -53.27 -33.91
C GLN B 97 63.02 -52.00 -33.28
N VAL B 98 61.81 -52.08 -32.73
CA VAL B 98 61.19 -50.89 -32.14
C VAL B 98 62.03 -50.37 -30.98
N ALA B 99 62.50 -51.25 -30.11
CA ALA B 99 63.44 -50.85 -29.06
C ALA B 99 64.77 -50.41 -29.64
N GLY B 100 65.20 -50.98 -30.77
CA GLY B 100 66.44 -50.57 -31.40
C GLY B 100 66.33 -49.24 -32.14
N PHE B 101 65.11 -48.81 -32.46
CA PHE B 101 64.92 -47.54 -33.16
C PHE B 101 65.30 -46.37 -32.25
N SER B 102 65.58 -45.24 -32.88
CA SER B 102 66.01 -44.05 -32.15
C SER B 102 64.88 -43.51 -31.28
N THR B 103 65.26 -43.03 -30.10
CA THR B 103 64.29 -42.48 -29.16
C THR B 103 63.62 -41.22 -29.72
N ASP B 104 64.41 -40.37 -30.39
CA ASP B 104 63.87 -39.10 -30.88
C ASP B 104 62.80 -39.32 -31.95
N TYR B 105 63.06 -40.22 -32.89
CA TYR B 105 62.07 -40.48 -33.94
C TYR B 105 60.85 -41.17 -33.36
N LEU B 106 61.04 -42.04 -32.36
CA LEU B 106 59.91 -42.65 -31.69
C LEU B 106 59.04 -41.61 -30.99
N ILE B 107 59.68 -40.64 -30.34
CA ILE B 107 58.93 -39.56 -29.68
C ILE B 107 58.21 -38.72 -30.72
N ASP B 108 58.85 -38.46 -31.85
CA ASP B 108 58.20 -37.70 -32.92
C ASP B 108 56.97 -38.43 -33.45
N LEU B 109 57.09 -39.74 -33.66
CA LEU B 109 55.95 -40.54 -34.11
C LEU B 109 54.83 -40.55 -33.07
N VAL B 110 55.20 -40.66 -31.79
CA VAL B 110 54.20 -40.64 -30.74
C VAL B 110 53.46 -39.31 -30.71
N THR B 111 54.20 -38.20 -30.84
CA THR B 111 53.56 -36.90 -30.85
C THR B 111 52.65 -36.72 -32.06
N ARG B 112 53.10 -37.18 -33.23
CA ARG B 112 52.26 -37.10 -34.42
C ARG B 112 50.99 -37.92 -34.27
N PHE B 113 51.12 -39.12 -33.70
CA PHE B 113 49.95 -39.98 -33.51
C PHE B 113 48.96 -39.36 -32.53
N ILE B 114 49.46 -38.69 -31.51
CA ILE B 114 48.62 -38.14 -30.45
C ILE B 114 48.04 -36.81 -30.91
N ASN B 115 46.74 -36.80 -31.20
CA ASN B 115 46.02 -35.56 -31.46
C ASN B 115 45.55 -34.98 -30.14
N TRP B 116 46.09 -33.82 -29.77
CA TRP B 116 45.81 -33.25 -28.46
C TRP B 116 44.35 -32.82 -28.32
N GLN B 117 43.67 -32.59 -29.44
CA GLN B 117 42.24 -32.31 -29.37
C GLN B 117 41.47 -33.48 -28.78
N MET B 118 41.86 -34.71 -29.15
CA MET B 118 41.22 -35.88 -28.59
C MET B 118 41.47 -35.99 -27.09
N ILE B 119 42.69 -35.68 -26.64
CA ILE B 119 42.98 -35.75 -25.21
C ILE B 119 42.18 -34.70 -24.45
N GLY B 120 42.07 -33.50 -24.99
CA GLY B 120 41.24 -32.49 -24.36
C GLY B 120 39.78 -32.91 -24.26
N ALA B 121 39.25 -33.47 -25.34
CA ALA B 121 37.87 -33.93 -25.33
C ALA B 121 37.67 -35.06 -24.33
N ILE B 122 38.67 -35.94 -24.20
CA ILE B 122 38.57 -37.05 -23.27
C ILE B 122 38.61 -36.56 -21.83
N PHE B 123 39.44 -35.55 -21.54
CA PHE B 123 39.44 -34.96 -20.21
C PHE B 123 38.08 -34.32 -19.91
N VAL B 124 37.53 -33.60 -20.88
CA VAL B 124 36.22 -32.98 -20.70
C VAL B 124 35.16 -34.05 -20.44
N LEU B 125 35.21 -35.15 -21.19
CA LEU B 125 34.24 -36.23 -21.00
C LEU B 125 34.44 -36.94 -19.69
N LEU B 126 35.68 -37.04 -19.21
CA LEU B 126 35.93 -37.59 -17.88
C LEU B 126 35.25 -36.75 -16.81
N VAL B 127 35.40 -35.43 -16.90
CA VAL B 127 34.77 -34.56 -15.92
C VAL B 127 33.26 -34.64 -16.04
N ALA B 128 32.74 -34.68 -17.27
CA ALA B 128 31.29 -34.78 -17.47
C ALA B 128 30.74 -36.09 -16.91
N TRP B 129 31.46 -37.20 -17.11
CA TRP B 129 31.05 -38.47 -16.55
C TRP B 129 31.07 -38.44 -15.03
N LEU B 130 32.11 -37.85 -14.44
CA LEU B 130 32.16 -37.74 -12.99
C LEU B 130 31.01 -36.90 -12.45
N PHE B 131 30.60 -35.87 -13.20
CA PHE B 131 29.49 -35.05 -12.75
C PHE B 131 28.17 -35.79 -12.88
N LEU B 132 27.94 -36.45 -14.01
CA LEU B 132 26.68 -37.15 -14.26
C LEU B 132 26.58 -38.47 -13.52
N SER B 133 27.67 -38.96 -12.91
CA SER B 133 27.62 -40.15 -12.09
C SER B 133 27.05 -39.88 -10.70
N GLN B 134 26.41 -38.73 -10.51
CA GLN B 134 25.76 -38.39 -9.25
C GLN B 134 24.27 -38.12 -9.40
N TRP B 135 23.77 -37.96 -10.63
CA TRP B 135 22.37 -37.70 -10.84
C TRP B 135 21.66 -38.81 -11.61
N ILE B 136 22.17 -39.20 -12.76
CA ILE B 136 21.53 -40.18 -13.62
C ILE B 136 22.43 -41.41 -13.73
N ARG B 137 21.84 -42.59 -13.58
CA ARG B 137 22.57 -43.84 -13.76
C ARG B 137 23.04 -43.96 -15.20
N ILE B 138 24.35 -43.83 -15.42
CA ILE B 138 24.88 -43.88 -16.78
C ILE B 138 24.75 -45.27 -17.39
N THR B 139 24.57 -46.30 -16.56
CA THR B 139 24.52 -47.67 -17.06
C THR B 139 23.36 -47.86 -18.03
N VAL B 140 22.18 -47.35 -17.67
CA VAL B 140 21.01 -47.52 -18.51
C VAL B 140 21.23 -46.90 -19.89
N PHE B 141 21.75 -45.67 -19.90
CA PHE B 141 21.94 -44.98 -21.17
C PHE B 141 23.05 -45.61 -22.00
N VAL B 142 24.13 -46.06 -21.35
CA VAL B 142 25.22 -46.68 -22.09
C VAL B 142 24.75 -47.98 -22.74
N VAL B 143 24.02 -48.81 -21.98
CA VAL B 143 23.53 -50.06 -22.54
C VAL B 143 22.48 -49.79 -23.61
N ALA B 144 21.68 -48.73 -23.44
CA ALA B 144 20.68 -48.39 -24.44
C ALA B 144 21.35 -47.95 -25.75
N ILE B 145 22.42 -47.17 -25.65
CA ILE B 145 23.13 -46.75 -26.86
C ILE B 145 23.78 -47.95 -27.54
N LEU B 146 24.36 -48.86 -26.75
CA LEU B 146 24.96 -50.06 -27.34
C LEU B 146 23.91 -50.87 -28.08
N LEU B 147 22.75 -51.10 -27.44
CA LEU B 147 21.71 -51.89 -28.07
C LEU B 147 21.15 -51.19 -29.31
N TRP B 148 21.02 -49.87 -29.25
CA TRP B 148 20.53 -49.14 -30.42
C TRP B 148 21.51 -49.21 -31.57
N LEU B 149 22.81 -49.14 -31.28
CA LEU B 149 23.81 -49.29 -32.33
C LEU B 149 23.72 -50.68 -32.95
N ASN B 150 23.54 -51.70 -32.12
CA ASN B 150 23.37 -53.05 -32.65
C ASN B 150 22.14 -53.15 -33.55
N VAL B 151 21.04 -52.55 -33.11
CA VAL B 151 19.80 -52.59 -33.89
C VAL B 151 19.99 -51.89 -35.24
N LEU B 152 20.65 -50.73 -35.22
CA LEU B 152 20.92 -50.01 -36.46
C LEU B 152 21.80 -50.82 -37.39
N THR B 153 22.83 -51.47 -36.85
CA THR B 153 23.69 -52.31 -37.68
C THR B 153 22.92 -53.49 -38.27
N LEU B 154 21.98 -54.04 -37.52
CA LEU B 154 21.18 -55.15 -38.02
C LEU B 154 20.35 -54.73 -39.23
N ALA B 155 19.73 -53.55 -39.16
CA ALA B 155 18.90 -53.06 -40.25
C ALA B 155 19.75 -52.57 -41.41
N SER C 12 26.46 -41.09 -2.75
CA SER C 12 26.97 -40.33 -1.62
C SER C 12 26.78 -38.84 -1.84
N SER C 13 27.31 -38.03 -0.91
CA SER C 13 27.21 -36.58 -1.00
C SER C 13 28.41 -35.99 -1.73
N LEU C 14 28.59 -36.45 -2.97
CA LEU C 14 29.68 -35.94 -3.80
C LEU C 14 29.47 -34.49 -4.21
N TRP C 15 28.23 -34.00 -4.16
CA TRP C 15 27.96 -32.60 -4.49
C TRP C 15 28.72 -31.66 -3.58
N GLN C 16 29.02 -32.10 -2.35
CA GLN C 16 29.79 -31.28 -1.43
C GLN C 16 31.18 -30.96 -1.96
N TYR C 17 31.70 -31.76 -2.90
CA TYR C 17 33.01 -31.54 -3.47
C TYR C 17 32.98 -30.87 -4.83
N TRP C 18 31.79 -30.50 -5.32
CA TRP C 18 31.63 -29.75 -6.56
C TRP C 18 31.40 -28.29 -6.21
N ARG C 19 32.51 -27.55 -6.05
CA ARG C 19 32.47 -26.19 -5.54
C ARG C 19 32.31 -25.13 -6.63
N GLY C 20 32.40 -25.51 -7.90
CA GLY C 20 32.27 -24.54 -8.97
C GLY C 20 33.55 -23.76 -9.21
N LEU C 21 33.47 -22.84 -10.17
CA LEU C 21 34.62 -22.03 -10.54
C LEU C 21 34.89 -20.91 -9.55
N SER C 22 33.83 -20.34 -8.97
CA SER C 22 33.92 -19.23 -8.00
C SER C 22 34.57 -18.04 -8.71
N GLY C 23 35.68 -17.49 -8.20
CA GLY C 23 36.24 -16.28 -8.78
C GLY C 23 36.63 -16.42 -10.24
N TRP C 24 37.03 -17.63 -10.64
CA TRP C 24 37.41 -17.86 -12.03
C TRP C 24 36.29 -17.54 -12.99
N ASN C 25 35.03 -17.53 -12.51
CA ASN C 25 33.93 -17.11 -13.36
C ASN C 25 34.23 -15.75 -13.99
N PHE C 26 34.61 -14.78 -13.16
CA PHE C 26 34.97 -13.46 -13.67
C PHE C 26 36.01 -13.59 -14.77
N TYR C 27 37.04 -14.40 -14.52
CA TYR C 27 38.05 -14.74 -15.51
C TYR C 27 37.39 -15.04 -16.85
N PHE C 28 36.57 -16.09 -16.89
CA PHE C 28 35.95 -16.47 -18.14
C PHE C 28 35.05 -15.37 -18.66
N LEU C 29 34.32 -14.70 -17.76
CA LEU C 29 33.46 -13.61 -18.19
C LEU C 29 34.26 -12.55 -18.91
N VAL C 30 35.45 -12.22 -18.38
CA VAL C 30 36.31 -11.24 -19.03
C VAL C 30 36.55 -11.65 -20.48
N LYS C 31 36.90 -12.93 -20.68
CA LYS C 31 37.19 -13.41 -22.02
C LYS C 31 35.99 -13.21 -22.93
N PHE C 32 34.79 -13.47 -22.41
CA PHE C 32 33.59 -13.28 -23.23
C PHE C 32 33.54 -11.86 -23.78
N GLY C 33 33.79 -10.88 -22.92
CA GLY C 33 33.82 -9.51 -23.39
C GLY C 33 34.86 -9.31 -24.48
N LEU C 34 36.07 -9.81 -24.24
CA LEU C 34 37.11 -9.66 -25.25
C LEU C 34 36.81 -10.49 -26.49
N LEU C 35 35.92 -11.48 -26.39
CA LEU C 35 35.45 -12.17 -27.58
C LEU C 35 34.48 -11.30 -28.36
N TRP C 36 33.58 -10.61 -27.65
CA TRP C 36 32.64 -9.73 -28.34
C TRP C 36 33.36 -8.50 -28.87
N ALA C 37 34.48 -8.13 -28.26
CA ALA C 37 35.25 -6.96 -28.66
C ALA C 37 36.34 -7.30 -29.66
N GLY C 38 36.51 -8.57 -30.02
CA GLY C 38 37.46 -8.96 -31.04
C GLY C 38 38.91 -8.94 -30.61
N TYR C 39 39.20 -8.72 -29.34
CA TYR C 39 40.55 -8.63 -28.84
C TYR C 39 41.17 -9.99 -28.53
N LEU C 40 40.44 -11.08 -28.71
CA LEU C 40 40.86 -12.38 -28.24
C LEU C 40 40.88 -13.37 -29.40
N ASN C 41 41.93 -14.19 -29.46
CA ASN C 41 42.00 -15.33 -30.38
C ASN C 41 41.56 -16.55 -29.58
N PHE C 42 40.30 -16.93 -29.74
CA PHE C 42 39.69 -17.91 -28.85
C PHE C 42 40.09 -19.33 -29.22
N HIS C 43 40.32 -20.15 -28.18
CA HIS C 43 40.59 -21.57 -28.31
C HIS C 43 39.57 -22.28 -27.44
N PRO C 44 38.38 -22.58 -27.97
CA PRO C 44 37.31 -23.11 -27.12
C PRO C 44 37.65 -24.41 -26.42
N LEU C 45 38.41 -25.29 -27.07
CA LEU C 45 38.73 -26.58 -26.43
C LEU C 45 39.63 -26.39 -25.21
N LEU C 46 40.61 -25.50 -25.30
CA LEU C 46 41.44 -25.21 -24.14
C LEU C 46 40.62 -24.58 -23.02
N ASN C 47 39.66 -23.72 -23.36
CA ASN C 47 38.78 -23.16 -22.34
C ASN C 47 37.95 -24.24 -21.66
N LEU C 48 37.42 -25.18 -22.43
CA LEU C 48 36.67 -26.29 -21.84
C LEU C 48 37.57 -27.17 -20.98
N VAL C 49 38.82 -27.39 -21.40
CA VAL C 49 39.77 -28.15 -20.59
C VAL C 49 40.01 -27.45 -19.26
N PHE C 50 40.23 -26.13 -19.30
CA PHE C 50 40.49 -25.38 -18.07
C PHE C 50 39.27 -25.38 -17.16
N ALA C 51 38.07 -25.24 -17.74
CA ALA C 51 36.86 -25.30 -16.92
C ALA C 51 36.69 -26.67 -16.31
N ALA C 52 36.96 -27.73 -17.06
CA ALA C 52 36.84 -29.08 -16.53
C ALA C 52 37.84 -29.32 -15.40
N PHE C 53 39.07 -28.84 -15.57
CA PHE C 53 40.08 -29.03 -14.54
C PHE C 53 39.73 -28.24 -13.28
N LEU C 54 39.24 -27.02 -13.43
CA LEU C 54 38.89 -26.22 -12.25
C LEU C 54 37.60 -26.69 -11.61
N LEU C 55 36.77 -27.43 -12.35
CA LEU C 55 35.53 -27.94 -11.81
C LEU C 55 35.66 -29.33 -11.20
N MET C 56 36.76 -30.03 -11.45
CA MET C 56 36.85 -31.42 -11.02
C MET C 56 36.88 -31.51 -9.49
N PRO C 57 36.17 -32.46 -8.90
CA PRO C 57 36.06 -32.54 -7.44
C PRO C 57 37.31 -33.17 -6.82
N LEU C 58 37.95 -32.45 -5.92
CA LEU C 58 39.04 -32.96 -5.11
C LEU C 58 38.56 -33.09 -3.67
N PRO C 59 38.59 -34.28 -3.08
CA PRO C 59 38.03 -34.46 -1.74
C PRO C 59 38.63 -33.55 -0.69
N ARG C 60 39.95 -33.35 -0.70
CA ARG C 60 40.60 -32.56 0.35
C ARG C 60 40.55 -31.09 0.02
N TYR C 61 40.29 -30.26 1.04
CA TYR C 61 40.31 -28.81 0.86
C TYR C 61 41.71 -28.33 0.48
N SER C 62 42.73 -28.90 1.11
CA SER C 62 44.11 -28.52 0.78
C SER C 62 44.42 -28.85 -0.67
N LEU C 63 43.94 -29.98 -1.17
CA LEU C 63 44.15 -30.34 -2.57
C LEU C 63 43.48 -29.33 -3.49
N HIS C 64 42.27 -28.89 -3.13
CA HIS C 64 41.57 -27.88 -3.92
C HIS C 64 42.36 -26.57 -3.97
N ARG C 65 42.87 -26.14 -2.80
CA ARG C 65 43.65 -24.91 -2.76
C ARG C 65 44.93 -25.05 -3.58
N LEU C 66 45.60 -26.20 -3.49
CA LEU C 66 46.82 -26.41 -4.25
C LEU C 66 46.53 -26.43 -5.74
N ARG C 67 45.40 -27.02 -6.14
CA ARG C 67 45.02 -26.98 -7.55
C ARG C 67 44.82 -25.56 -8.02
N HIS C 68 44.16 -24.72 -7.23
CA HIS C 68 43.97 -23.34 -7.63
C HIS C 68 45.30 -22.60 -7.73
N TRP C 69 46.21 -22.84 -6.78
CA TRP C 69 47.51 -22.18 -6.82
C TRP C 69 48.32 -22.61 -8.03
N ILE C 70 48.21 -23.88 -8.41
CA ILE C 70 48.88 -24.34 -9.63
C ILE C 70 48.22 -23.76 -10.86
N ALA C 71 46.88 -23.65 -10.85
CA ALA C 71 46.15 -23.23 -12.04
C ALA C 71 46.26 -21.75 -12.32
N LEU C 72 46.62 -20.94 -11.31
CA LEU C 72 46.79 -19.51 -11.58
C LEU C 72 47.86 -19.24 -12.64
N PRO C 73 49.09 -19.78 -12.55
CA PRO C 73 50.02 -19.61 -13.68
C PRO C 73 49.51 -20.21 -14.97
N ILE C 74 48.83 -21.34 -14.90
CA ILE C 74 48.32 -21.97 -16.12
C ILE C 74 47.24 -21.09 -16.74
N GLY C 75 46.39 -20.49 -15.92
CA GLY C 75 45.39 -19.57 -16.44
C GLY C 75 46.02 -18.34 -17.06
N PHE C 76 47.08 -17.83 -16.43
CA PHE C 76 47.79 -16.68 -16.99
C PHE C 76 48.39 -17.02 -18.35
N ALA C 77 49.00 -18.20 -18.46
CA ALA C 77 49.57 -18.63 -19.74
C ALA C 77 48.49 -18.81 -20.79
N LEU C 78 47.35 -19.39 -20.42
CA LEU C 78 46.26 -19.57 -21.38
C LEU C 78 45.71 -18.23 -21.85
N PHE C 79 45.57 -17.27 -20.93
CA PHE C 79 45.11 -15.95 -21.33
C PHE C 79 46.11 -15.29 -22.27
N TRP C 80 47.41 -15.45 -22.00
CA TRP C 80 48.42 -14.95 -22.91
C TRP C 80 48.25 -15.58 -24.29
N HIS C 81 48.01 -16.89 -24.33
CA HIS C 81 47.86 -17.57 -25.61
C HIS C 81 46.60 -17.12 -26.34
N ASP C 82 45.58 -16.66 -25.61
CA ASP C 82 44.32 -16.28 -26.25
C ASP C 82 44.37 -14.89 -26.88
N THR C 83 45.37 -14.08 -26.57
CA THR C 83 45.49 -12.76 -27.16
C THR C 83 46.59 -12.73 -28.22
N TRP C 84 46.56 -11.68 -29.04
CA TRP C 84 47.47 -11.51 -30.15
C TRP C 84 48.80 -10.88 -29.73
N LEU C 85 49.06 -10.78 -28.44
CA LEU C 85 50.28 -10.18 -27.96
C LEU C 85 51.48 -11.04 -28.32
N PRO C 86 52.66 -10.44 -28.45
CA PRO C 86 53.85 -11.22 -28.83
C PRO C 86 54.20 -12.26 -27.78
N GLY C 87 54.79 -13.36 -28.26
CA GLY C 87 55.19 -14.44 -27.40
C GLY C 87 56.34 -14.07 -26.50
N PRO C 88 56.53 -14.83 -25.42
CA PRO C 88 57.62 -14.50 -24.48
C PRO C 88 58.99 -14.53 -25.12
N GLU C 89 59.23 -15.48 -26.03
CA GLU C 89 60.54 -15.59 -26.66
C GLU C 89 60.89 -14.32 -27.42
N SER C 90 59.88 -13.66 -28.01
CA SER C 90 60.12 -12.38 -28.66
C SER C 90 60.60 -11.35 -27.65
N ILE C 91 60.03 -11.35 -26.45
CA ILE C 91 60.47 -10.42 -25.42
C ILE C 91 61.89 -10.72 -24.98
N MET C 92 62.23 -12.00 -24.82
CA MET C 92 63.61 -12.34 -24.48
C MET C 92 64.58 -11.89 -25.57
N SER C 93 64.18 -12.05 -26.84
CA SER C 93 65.05 -11.65 -27.94
C SER C 93 65.23 -10.14 -28.01
N GLN C 94 64.15 -9.39 -27.79
CA GLN C 94 64.18 -7.94 -27.99
C GLN C 94 64.27 -7.16 -26.68
N GLY C 95 64.64 -7.82 -25.57
CA GLY C 95 64.88 -7.09 -24.34
C GLY C 95 65.97 -6.05 -24.47
N SER C 96 66.97 -6.30 -25.33
CA SER C 96 68.00 -5.30 -25.56
C SER C 96 67.43 -4.03 -26.16
N GLN C 97 66.51 -4.17 -27.13
CA GLN C 97 65.85 -3.00 -27.71
C GLN C 97 64.91 -2.34 -26.71
N VAL C 98 64.22 -3.16 -25.90
CA VAL C 98 63.27 -2.61 -24.93
C VAL C 98 63.98 -1.77 -23.88
N ALA C 99 65.10 -2.28 -23.35
CA ALA C 99 65.83 -1.56 -22.32
C ALA C 99 66.50 -0.31 -22.85
N GLY C 100 66.84 -0.27 -24.15
CA GLY C 100 67.47 0.91 -24.72
C GLY C 100 66.56 2.10 -24.81
N PHE C 101 65.25 1.89 -24.88
CA PHE C 101 64.29 2.98 -24.92
C PHE C 101 64.20 3.65 -23.55
N SER C 102 63.97 4.96 -23.55
CA SER C 102 63.90 5.72 -22.32
C SER C 102 62.61 5.38 -21.56
N THR C 103 62.61 5.73 -20.27
CA THR C 103 61.43 5.48 -19.44
C THR C 103 60.22 6.25 -19.94
N ASP C 104 60.43 7.51 -20.35
CA ASP C 104 59.33 8.32 -20.87
C ASP C 104 58.75 7.71 -22.14
N TYR C 105 59.60 7.17 -23.00
CA TYR C 105 59.12 6.52 -24.21
C TYR C 105 58.26 5.31 -23.89
N LEU C 106 58.69 4.50 -22.92
CA LEU C 106 57.88 3.35 -22.49
C LEU C 106 56.56 3.81 -21.90
N ILE C 107 56.58 4.88 -21.09
CA ILE C 107 55.34 5.40 -20.52
C ILE C 107 54.38 5.84 -21.62
N ASP C 108 54.91 6.56 -22.62
CA ASP C 108 54.06 7.00 -23.72
C ASP C 108 53.49 5.81 -24.48
N LEU C 109 54.32 4.80 -24.75
CA LEU C 109 53.85 3.63 -25.49
C LEU C 109 52.77 2.89 -24.72
N VAL C 110 52.96 2.69 -23.42
CA VAL C 110 51.97 1.94 -22.65
C VAL C 110 50.69 2.75 -22.50
N THR C 111 50.79 4.06 -22.31
CA THR C 111 49.58 4.89 -22.25
C THR C 111 48.82 4.85 -23.56
N ARG C 112 49.55 4.78 -24.69
CA ARG C 112 48.88 4.55 -25.96
C ARG C 112 48.23 3.17 -26.02
N PHE C 113 48.87 2.17 -25.39
CA PHE C 113 48.29 0.82 -25.40
C PHE C 113 47.11 0.67 -24.45
N ILE C 114 47.18 1.26 -23.25
CA ILE C 114 46.12 1.06 -22.27
C ILE C 114 44.84 1.70 -22.76
N ASN C 115 43.87 0.86 -23.12
CA ASN C 115 42.54 1.32 -23.54
C ASN C 115 41.68 1.39 -22.29
N TRP C 116 41.48 2.60 -21.78
CA TRP C 116 40.80 2.78 -20.50
C TRP C 116 39.34 2.38 -20.55
N GLN C 117 38.73 2.35 -21.73
CA GLN C 117 37.36 1.84 -21.83
C GLN C 117 37.28 0.38 -21.42
N MET C 118 38.26 -0.43 -21.83
CA MET C 118 38.26 -1.83 -21.45
C MET C 118 38.54 -2.01 -19.96
N ILE C 119 39.36 -1.14 -19.37
CA ILE C 119 39.58 -1.19 -17.93
C ILE C 119 38.29 -0.86 -17.18
N GLY C 120 37.57 0.16 -17.63
CA GLY C 120 36.30 0.48 -17.00
C GLY C 120 35.28 -0.64 -17.17
N ALA C 121 35.27 -1.26 -18.35
CA ALA C 121 34.36 -2.39 -18.57
C ALA C 121 34.71 -3.55 -17.65
N ILE C 122 36.00 -3.79 -17.42
CA ILE C 122 36.42 -4.82 -16.49
C ILE C 122 35.93 -4.50 -15.08
N PHE C 123 36.07 -3.24 -14.66
CA PHE C 123 35.60 -2.85 -13.33
C PHE C 123 34.09 -3.05 -13.18
N VAL C 124 33.33 -2.60 -14.18
CA VAL C 124 31.88 -2.73 -14.13
C VAL C 124 31.47 -4.20 -14.13
N LEU C 125 32.13 -5.02 -14.95
CA LEU C 125 31.82 -6.44 -15.00
C LEU C 125 32.16 -7.13 -13.68
N LEU C 126 33.26 -6.72 -13.04
CA LEU C 126 33.60 -7.28 -11.74
C LEU C 126 32.52 -6.97 -10.71
N VAL C 127 32.05 -5.72 -10.69
CA VAL C 127 30.98 -5.37 -9.75
C VAL C 127 29.71 -6.13 -10.07
N ALA C 128 29.37 -6.25 -11.35
CA ALA C 128 28.15 -6.96 -11.75
C ALA C 128 28.23 -8.43 -11.39
N TRP C 129 29.40 -9.05 -11.55
CA TRP C 129 29.57 -10.43 -11.16
C TRP C 129 29.44 -10.62 -9.66
N LEU C 130 30.05 -9.72 -8.88
CA LEU C 130 29.92 -9.84 -7.43
C LEU C 130 28.49 -9.66 -6.97
N PHE C 131 27.71 -8.82 -7.66
CA PHE C 131 26.30 -8.67 -7.29
C PHE C 131 25.46 -9.85 -7.76
N LEU C 132 25.77 -10.41 -8.93
CA LEU C 132 24.95 -11.45 -9.53
C LEU C 132 25.30 -12.85 -9.06
N SER C 133 26.43 -13.03 -8.38
CA SER C 133 26.73 -14.35 -7.83
C SER C 133 25.75 -14.74 -6.74
N GLN C 134 25.00 -13.78 -6.20
CA GLN C 134 23.96 -14.11 -5.22
C GLN C 134 22.77 -14.79 -5.87
N TRP C 135 22.31 -14.27 -7.01
CA TRP C 135 21.01 -14.63 -7.57
C TRP C 135 21.06 -15.60 -8.72
N ILE C 136 22.14 -15.60 -9.51
CA ILE C 136 22.26 -16.43 -10.70
C ILE C 136 23.51 -17.29 -10.57
N ARG C 137 23.38 -18.58 -10.83
CA ARG C 137 24.53 -19.47 -10.82
C ARG C 137 25.43 -19.13 -12.00
N ILE C 138 26.54 -18.43 -11.72
CA ILE C 138 27.41 -17.98 -12.80
C ILE C 138 28.17 -19.14 -13.40
N THR C 139 28.52 -20.16 -12.59
CA THR C 139 29.31 -21.27 -13.12
C THR C 139 28.53 -22.07 -14.16
N VAL C 140 27.23 -22.29 -13.90
CA VAL C 140 26.39 -23.00 -14.87
C VAL C 140 26.37 -22.24 -16.20
N PHE C 141 26.18 -20.93 -16.14
CA PHE C 141 26.10 -20.14 -17.37
C PHE C 141 27.44 -20.09 -18.10
N VAL C 142 28.54 -19.98 -17.36
CA VAL C 142 29.86 -19.96 -17.99
C VAL C 142 30.13 -21.27 -18.70
N VAL C 143 29.82 -22.39 -18.04
CA VAL C 143 30.05 -23.69 -18.67
C VAL C 143 29.13 -23.89 -19.86
N ALA C 144 27.89 -23.40 -19.77
CA ALA C 144 26.98 -23.48 -20.91
C ALA C 144 27.51 -22.69 -22.10
N ILE C 145 28.02 -21.49 -21.86
CA ILE C 145 28.56 -20.67 -22.95
C ILE C 145 29.79 -21.32 -23.56
N LEU C 146 30.66 -21.89 -22.72
CA LEU C 146 31.83 -22.58 -23.23
C LEU C 146 31.45 -23.78 -24.09
N LEU C 147 30.46 -24.56 -23.63
CA LEU C 147 30.00 -25.70 -24.41
C LEU C 147 29.40 -25.26 -25.74
N TRP C 148 28.60 -24.18 -25.72
CA TRP C 148 28.01 -23.68 -26.96
C TRP C 148 29.09 -23.20 -27.93
N LEU C 149 30.11 -22.51 -27.42
CA LEU C 149 31.19 -22.06 -28.28
C LEU C 149 31.95 -23.23 -28.88
N ASN C 150 32.21 -24.27 -28.08
CA ASN C 150 32.90 -25.44 -28.61
C ASN C 150 32.05 -26.14 -29.66
N VAL C 151 30.74 -26.23 -29.42
CA VAL C 151 29.83 -26.85 -30.38
C VAL C 151 29.86 -26.08 -31.70
N LEU C 152 29.80 -24.75 -31.63
CA LEU C 152 29.84 -23.95 -32.86
C LEU C 152 31.18 -24.10 -33.58
N THR C 153 32.29 -24.07 -32.83
CA THR C 153 33.60 -24.19 -33.46
C THR C 153 33.88 -25.59 -33.97
N LEU C 154 33.09 -26.59 -33.54
CA LEU C 154 33.14 -27.90 -34.16
C LEU C 154 32.05 -28.06 -35.22
N ALA C 155 30.80 -27.78 -34.87
CA ALA C 155 29.71 -27.90 -35.81
C ALA C 155 28.70 -26.76 -35.62
N SER D 12 27.45 -9.21 5.94
CA SER D 12 28.29 -10.27 6.49
C SER D 12 28.82 -11.17 5.39
N SER D 13 28.76 -12.49 5.63
CA SER D 13 29.17 -13.44 4.61
C SER D 13 28.24 -13.39 3.40
N LEU D 14 26.96 -13.08 3.63
CA LEU D 14 25.99 -12.93 2.55
C LEU D 14 26.05 -11.54 1.91
N TRP D 15 26.89 -10.65 2.43
CA TRP D 15 27.20 -9.36 1.81
C TRP D 15 25.96 -8.48 1.64
N GLN D 16 25.43 -8.08 2.80
CA GLN D 16 24.44 -7.01 2.87
C GLN D 16 25.06 -5.63 2.68
N TYR D 17 26.32 -5.55 2.28
CA TYR D 17 26.98 -4.27 2.04
C TYR D 17 26.61 -3.65 0.70
N TRP D 18 25.57 -4.15 0.03
CA TRP D 18 25.03 -3.49 -1.16
C TRP D 18 23.97 -2.50 -0.69
N ARG D 19 24.44 -1.34 -0.25
CA ARG D 19 23.59 -0.37 0.43
C ARG D 19 22.80 0.52 -0.51
N GLY D 20 23.07 0.49 -1.80
CA GLY D 20 22.35 1.32 -2.74
C GLY D 20 22.99 2.69 -2.93
N LEU D 21 22.45 3.42 -3.89
CA LEU D 21 22.97 4.74 -4.24
C LEU D 21 22.45 5.86 -3.35
N SER D 22 21.24 5.69 -2.79
CA SER D 22 20.63 6.69 -1.93
C SER D 22 20.54 8.05 -2.62
N GLY D 23 21.15 9.07 -2.01
CA GLY D 23 21.04 10.41 -2.55
C GLY D 23 21.57 10.54 -3.97
N TRP D 24 22.66 9.83 -4.27
CA TRP D 24 23.22 9.87 -5.62
C TRP D 24 22.19 9.48 -6.67
N ASN D 25 21.19 8.68 -6.28
CA ASN D 25 20.06 8.40 -7.14
C ASN D 25 19.55 9.66 -7.82
N PHE D 26 19.13 10.64 -7.01
CA PHE D 26 18.64 11.90 -7.56
C PHE D 26 19.65 12.49 -8.53
N TYR D 27 20.93 12.46 -8.15
CA TYR D 27 22.01 12.89 -9.02
C TYR D 27 21.80 12.37 -10.43
N PHE D 28 21.80 11.04 -10.56
CA PHE D 28 21.68 10.46 -11.90
C PHE D 28 20.34 10.82 -12.52
N LEU D 29 19.28 10.85 -11.71
CA LEU D 29 17.98 11.28 -12.21
C LEU D 29 18.09 12.64 -12.89
N VAL D 30 18.78 13.58 -12.24
CA VAL D 30 18.94 14.90 -12.81
C VAL D 30 19.59 14.79 -14.18
N LYS D 31 20.67 14.02 -14.27
CA LYS D 31 21.36 13.86 -15.54
C LYS D 31 20.42 13.29 -16.58
N PHE D 32 19.60 12.31 -16.19
CA PHE D 32 18.64 11.74 -17.14
C PHE D 32 17.72 12.83 -17.67
N GLY D 33 17.20 13.67 -16.77
CA GLY D 33 16.41 14.80 -17.21
C GLY D 33 17.20 15.70 -18.14
N LEU D 34 18.44 16.00 -17.77
CA LEU D 34 19.27 16.84 -18.64
C LEU D 34 19.65 16.12 -19.92
N LEU D 35 19.60 14.78 -19.93
CA LEU D 35 19.78 14.07 -21.18
C LEU D 35 18.55 14.24 -22.08
N TRP D 36 17.38 14.39 -21.47
CA TRP D 36 16.17 14.64 -22.24
C TRP D 36 16.13 16.09 -22.74
N ALA D 37 16.76 17.02 -22.01
CA ALA D 37 16.80 18.42 -22.39
C ALA D 37 17.92 18.76 -23.36
N GLY D 38 18.87 17.85 -23.56
CA GLY D 38 19.91 18.05 -24.56
C GLY D 38 21.05 18.94 -24.15
N TYR D 39 21.20 19.25 -22.86
CA TYR D 39 22.29 20.09 -22.38
C TYR D 39 23.51 19.28 -21.96
N LEU D 40 23.53 17.97 -22.22
CA LEU D 40 24.57 17.09 -21.70
C LEU D 40 25.34 16.45 -22.84
N ASN D 41 26.67 16.54 -22.77
CA ASN D 41 27.56 15.72 -23.60
C ASN D 41 27.84 14.44 -22.81
N PHE D 42 26.86 13.54 -22.86
CA PHE D 42 26.83 12.41 -21.93
C PHE D 42 27.96 11.43 -22.20
N HIS D 43 28.48 10.83 -21.13
CA HIS D 43 29.50 9.80 -21.18
C HIS D 43 28.94 8.57 -20.48
N PRO D 44 28.21 7.70 -21.20
CA PRO D 44 27.57 6.57 -20.52
C PRO D 44 28.54 5.63 -19.83
N LEU D 45 29.72 5.41 -20.41
CA LEU D 45 30.68 4.51 -19.78
C LEU D 45 31.16 5.05 -18.44
N LEU D 46 31.47 6.34 -18.39
CA LEU D 46 31.93 6.91 -17.13
C LEU D 46 30.82 6.94 -16.09
N ASN D 47 29.57 7.15 -16.52
CA ASN D 47 28.46 7.08 -15.58
C ASN D 47 28.29 5.68 -15.03
N LEU D 48 28.42 4.65 -15.88
CA LEU D 48 28.33 3.27 -15.39
C LEU D 48 29.46 2.94 -14.43
N VAL D 49 30.68 3.38 -14.75
CA VAL D 49 31.80 3.15 -13.86
C VAL D 49 31.59 3.85 -12.53
N PHE D 50 31.07 5.08 -12.56
CA PHE D 50 30.80 5.81 -11.33
C PHE D 50 29.72 5.11 -10.51
N ALA D 51 28.68 4.60 -11.16
CA ALA D 51 27.64 3.87 -10.45
C ALA D 51 28.19 2.61 -9.81
N ALA D 52 29.07 1.90 -10.53
CA ALA D 52 29.70 0.71 -9.94
C ALA D 52 30.58 1.07 -8.76
N PHE D 53 31.34 2.17 -8.86
CA PHE D 53 32.19 2.62 -7.77
C PHE D 53 31.38 2.98 -6.54
N LEU D 54 30.24 3.67 -6.75
CA LEU D 54 29.38 4.01 -5.61
C LEU D 54 28.68 2.79 -5.05
N LEU D 55 28.37 1.81 -5.89
CA LEU D 55 27.65 0.62 -5.47
C LEU D 55 28.58 -0.48 -4.97
N MET D 56 29.89 -0.24 -4.95
CA MET D 56 30.83 -1.24 -4.51
C MET D 56 30.57 -1.59 -3.04
N PRO D 57 30.38 -2.86 -2.70
CA PRO D 57 30.11 -3.22 -1.31
C PRO D 57 31.35 -3.13 -0.44
N LEU D 58 31.36 -2.20 0.51
CA LEU D 58 32.46 -2.05 1.46
C LEU D 58 31.97 -2.39 2.85
N PRO D 59 32.60 -3.34 3.55
CA PRO D 59 32.08 -3.77 4.85
C PRO D 59 32.17 -2.70 5.93
N ARG D 60 33.36 -2.12 6.11
CA ARG D 60 33.53 -1.13 7.16
C ARG D 60 32.80 0.16 6.81
N TYR D 61 32.19 0.77 7.83
CA TYR D 61 31.45 2.01 7.61
C TYR D 61 32.37 3.19 7.41
N SER D 62 33.54 3.19 8.05
CA SER D 62 34.50 4.26 7.86
C SER D 62 34.97 4.33 6.41
N LEU D 63 35.30 3.18 5.83
CA LEU D 63 35.69 3.15 4.43
C LEU D 63 34.53 3.50 3.52
N HIS D 64 33.29 3.18 3.93
CA HIS D 64 32.12 3.59 3.15
C HIS D 64 32.01 5.11 3.09
N ARG D 65 32.12 5.76 4.25
CA ARG D 65 32.06 7.22 4.28
C ARG D 65 33.22 7.83 3.51
N LEU D 66 34.41 7.26 3.65
CA LEU D 66 35.57 7.74 2.90
C LEU D 66 35.35 7.63 1.40
N ARG D 67 34.78 6.51 0.96
CA ARG D 67 34.49 6.31 -0.46
C ARG D 67 33.50 7.36 -0.97
N HIS D 68 32.42 7.59 -0.22
CA HIS D 68 31.44 8.58 -0.66
C HIS D 68 32.03 9.98 -0.68
N TRP D 69 32.88 10.31 0.31
CA TRP D 69 33.46 11.64 0.39
C TRP D 69 34.42 11.89 -0.76
N ILE D 70 35.21 10.89 -1.16
CA ILE D 70 36.02 11.07 -2.36
C ILE D 70 35.17 11.06 -3.62
N ALA D 71 34.05 10.35 -3.61
CA ALA D 71 33.21 10.29 -4.79
C ALA D 71 32.52 11.62 -5.07
N LEU D 72 32.27 12.41 -4.03
CA LEU D 72 31.60 13.70 -4.26
C LEU D 72 32.35 14.62 -5.21
N PRO D 73 33.64 14.93 -5.01
CA PRO D 73 34.35 15.72 -6.04
C PRO D 73 34.46 15.01 -7.37
N ILE D 74 34.58 13.68 -7.38
CA ILE D 74 34.62 12.96 -8.65
C ILE D 74 33.29 13.12 -9.39
N GLY D 75 32.18 13.03 -8.65
CA GLY D 75 30.89 13.26 -9.28
C GLY D 75 30.72 14.68 -9.78
N PHE D 76 31.23 15.66 -9.03
CA PHE D 76 31.16 17.04 -9.48
C PHE D 76 31.98 17.25 -10.75
N ALA D 77 33.17 16.67 -10.81
CA ALA D 77 33.99 16.77 -12.01
C ALA D 77 33.34 16.05 -13.19
N LEU D 78 32.69 14.92 -12.93
CA LEU D 78 31.98 14.22 -13.99
C LEU D 78 30.82 15.05 -14.54
N PHE D 79 30.10 15.74 -13.65
CA PHE D 79 29.05 16.64 -14.11
C PHE D 79 29.63 17.79 -14.91
N TRP D 80 30.77 18.33 -14.47
CA TRP D 80 31.47 19.34 -15.25
C TRP D 80 31.78 18.82 -16.65
N HIS D 81 32.26 17.57 -16.74
CA HIS D 81 32.70 17.02 -18.02
C HIS D 81 31.52 16.71 -18.93
N ASP D 82 30.40 16.25 -18.37
CA ASP D 82 29.26 15.85 -19.17
C ASP D 82 28.45 17.02 -19.71
N THR D 83 28.63 18.22 -19.17
CA THR D 83 27.94 19.39 -19.68
C THR D 83 28.74 20.03 -20.81
N TRP D 84 28.08 20.95 -21.52
CA TRP D 84 28.74 21.72 -22.56
C TRP D 84 29.45 22.96 -22.02
N LEU D 85 29.39 23.19 -20.72
CA LEU D 85 30.14 24.29 -20.12
C LEU D 85 31.63 24.06 -20.37
N PRO D 86 32.42 25.12 -20.53
CA PRO D 86 33.76 24.95 -21.07
C PRO D 86 34.74 24.35 -20.06
N GLY D 87 35.80 23.75 -20.59
CA GLY D 87 36.80 23.15 -19.77
C GLY D 87 37.56 24.19 -18.98
N PRO D 88 38.44 23.72 -18.08
CA PRO D 88 39.14 24.67 -17.19
C PRO D 88 39.91 25.73 -17.95
N GLU D 89 40.66 25.36 -18.99
CA GLU D 89 41.51 26.31 -19.69
C GLU D 89 40.73 27.54 -20.12
N SER D 90 39.56 27.34 -20.71
CA SER D 90 38.69 28.47 -21.06
C SER D 90 38.26 29.22 -19.81
N ILE D 91 38.06 28.51 -18.70
CA ILE D 91 37.54 29.15 -17.49
C ILE D 91 38.53 30.15 -16.93
N MET D 92 39.80 29.75 -16.75
CA MET D 92 40.76 30.75 -16.31
C MET D 92 41.30 31.62 -17.44
N SER D 93 40.98 31.33 -18.70
CA SER D 93 41.31 32.29 -19.75
C SER D 93 40.32 33.45 -19.75
N GLN D 94 39.05 33.18 -19.48
CA GLN D 94 38.03 34.21 -19.39
C GLN D 94 37.85 34.75 -17.99
N GLY D 95 38.52 34.16 -16.99
CA GLY D 95 38.44 34.70 -15.65
C GLY D 95 39.02 36.10 -15.55
N SER D 96 40.08 36.38 -16.33
CA SER D 96 40.64 37.72 -16.35
C SER D 96 39.64 38.73 -16.88
N GLN D 97 38.93 38.39 -17.94
CA GLN D 97 37.89 39.28 -18.46
C GLN D 97 36.75 39.45 -17.46
N VAL D 98 36.37 38.36 -16.79
CA VAL D 98 35.31 38.45 -15.78
C VAL D 98 35.73 39.39 -14.66
N ALA D 99 36.99 39.28 -14.21
CA ALA D 99 37.48 40.19 -13.20
C ALA D 99 37.53 41.63 -13.69
N GLY D 100 37.87 41.82 -14.97
CA GLY D 100 37.87 43.17 -15.54
C GLY D 100 36.48 43.74 -15.72
N PHE D 101 35.47 42.90 -15.85
CA PHE D 101 34.09 43.36 -15.96
C PHE D 101 33.59 43.86 -14.61
N SER D 102 32.59 44.74 -14.67
CA SER D 102 31.99 45.27 -13.45
C SER D 102 31.16 44.19 -12.75
N THR D 103 30.87 44.44 -11.47
CA THR D 103 29.99 43.53 -10.73
C THR D 103 28.59 43.51 -11.33
N ASP D 104 28.12 44.66 -11.80
CA ASP D 104 26.80 44.72 -12.41
C ASP D 104 26.72 43.86 -13.66
N TYR D 105 27.79 43.85 -14.46
CA TYR D 105 27.81 42.98 -15.64
C TYR D 105 27.76 41.51 -15.23
N LEU D 106 28.47 41.15 -14.15
CA LEU D 106 28.42 39.77 -13.68
C LEU D 106 27.01 39.39 -13.22
N ILE D 107 26.34 40.31 -12.51
CA ILE D 107 24.98 40.03 -12.06
C ILE D 107 24.04 39.89 -13.25
N ASP D 108 24.19 40.75 -14.26
CA ASP D 108 23.35 40.65 -15.44
C ASP D 108 23.57 39.34 -16.17
N LEU D 109 24.83 38.93 -16.31
CA LEU D 109 25.13 37.64 -16.95
C LEU D 109 24.55 36.49 -16.15
N VAL D 110 24.62 36.58 -14.82
CA VAL D 110 24.02 35.54 -13.98
C VAL D 110 22.52 35.46 -14.21
N THR D 111 21.85 36.61 -14.18
CA THR D 111 20.40 36.61 -14.38
C THR D 111 20.01 36.10 -15.75
N ARG D 112 20.84 36.35 -16.76
CA ARG D 112 20.55 35.83 -18.09
C ARG D 112 20.84 34.34 -18.21
N PHE D 113 21.80 33.83 -17.42
CA PHE D 113 22.26 32.46 -17.61
C PHE D 113 21.25 31.45 -17.07
N ILE D 114 20.65 31.72 -15.92
CA ILE D 114 19.75 30.76 -15.31
C ILE D 114 18.46 30.67 -16.10
N ASN D 115 18.04 29.44 -16.41
CA ASN D 115 16.72 29.15 -16.96
C ASN D 115 15.87 28.63 -15.81
N TRP D 116 15.13 29.53 -15.17
CA TRP D 116 14.41 29.17 -13.94
C TRP D 116 13.36 28.09 -14.18
N GLN D 117 12.93 27.88 -15.42
CA GLN D 117 11.99 26.80 -15.70
C GLN D 117 12.61 25.45 -15.38
N MET D 118 13.88 25.26 -15.77
CA MET D 118 14.56 24.01 -15.44
C MET D 118 14.80 23.90 -13.94
N ILE D 119 14.96 25.02 -13.23
CA ILE D 119 15.09 24.96 -11.78
C ILE D 119 13.79 24.49 -11.15
N GLY D 120 12.66 25.00 -11.63
CA GLY D 120 11.38 24.51 -11.14
C GLY D 120 11.15 23.04 -11.45
N ALA D 121 11.53 22.62 -12.65
CA ALA D 121 11.43 21.20 -13.01
C ALA D 121 12.33 20.35 -12.12
N ILE D 122 13.53 20.84 -11.81
CA ILE D 122 14.45 20.11 -10.94
C ILE D 122 13.88 19.99 -9.54
N PHE D 123 13.24 21.05 -9.04
CA PHE D 123 12.61 20.98 -7.72
C PHE D 123 11.45 19.99 -7.72
N VAL D 124 10.67 19.97 -8.80
CA VAL D 124 9.59 18.98 -8.91
C VAL D 124 10.17 17.57 -8.90
N LEU D 125 11.27 17.37 -9.63
CA LEU D 125 11.94 16.08 -9.63
C LEU D 125 12.46 15.72 -8.25
N LEU D 126 12.94 16.70 -7.50
CA LEU D 126 13.43 16.44 -6.15
C LEU D 126 12.31 15.97 -5.24
N VAL D 127 11.16 16.64 -5.29
CA VAL D 127 10.02 16.21 -4.49
C VAL D 127 9.57 14.82 -4.90
N ALA D 128 9.51 14.56 -6.20
CA ALA D 128 9.11 13.25 -6.69
C ALA D 128 10.10 12.17 -6.23
N TRP D 129 11.40 12.47 -6.27
CA TRP D 129 12.40 11.52 -5.83
C TRP D 129 12.28 11.23 -4.35
N LEU D 130 12.04 12.25 -3.53
CA LEU D 130 11.86 12.01 -2.10
C LEU D 130 10.65 11.12 -1.84
N PHE D 131 9.53 11.41 -2.50
CA PHE D 131 8.34 10.60 -2.30
C PHE D 131 8.56 9.16 -2.77
N LEU D 132 9.17 8.99 -3.94
CA LEU D 132 9.39 7.65 -4.46
C LEU D 132 10.34 6.87 -3.57
N SER D 133 11.45 7.48 -3.15
CA SER D 133 12.36 6.81 -2.23
C SER D 133 11.66 6.46 -0.92
N GLN D 134 10.65 7.24 -0.53
CA GLN D 134 9.81 6.82 0.59
C GLN D 134 9.02 5.57 0.24
N TRP D 135 8.58 5.45 -1.01
CA TRP D 135 7.72 4.33 -1.42
C TRP D 135 8.42 3.25 -2.24
N ILE D 136 9.31 3.60 -3.16
CA ILE D 136 9.86 2.66 -4.14
C ILE D 136 11.36 2.84 -4.22
N ARG D 137 12.09 1.72 -4.25
CA ARG D 137 13.53 1.75 -4.50
C ARG D 137 13.75 2.23 -5.92
N ILE D 138 14.45 3.37 -6.06
CA ILE D 138 14.74 3.92 -7.39
C ILE D 138 16.12 3.53 -7.87
N THR D 139 16.95 2.92 -7.02
CA THR D 139 18.30 2.55 -7.44
C THR D 139 18.26 1.53 -8.56
N VAL D 140 17.35 0.55 -8.48
CA VAL D 140 17.24 -0.45 -9.52
C VAL D 140 16.85 0.20 -10.85
N PHE D 141 15.89 1.13 -10.82
CA PHE D 141 15.47 1.80 -12.04
C PHE D 141 16.61 2.62 -12.62
N VAL D 142 17.36 3.33 -11.77
CA VAL D 142 18.47 4.15 -12.25
C VAL D 142 19.52 3.28 -12.91
N VAL D 143 19.87 2.16 -12.26
CA VAL D 143 20.86 1.26 -12.81
C VAL D 143 20.37 0.67 -14.14
N ALA D 144 19.10 0.29 -14.21
CA ALA D 144 18.55 -0.25 -15.45
C ALA D 144 18.61 0.76 -16.57
N ILE D 145 18.30 2.02 -16.27
CA ILE D 145 18.37 3.06 -17.31
C ILE D 145 19.82 3.28 -17.74
N LEU D 146 20.76 3.19 -16.81
CA LEU D 146 22.17 3.32 -17.19
C LEU D 146 22.61 2.22 -18.14
N LEU D 147 22.27 0.96 -17.82
CA LEU D 147 22.59 -0.11 -18.78
C LEU D 147 21.84 0.08 -20.10
N TRP D 148 20.62 0.61 -20.05
CA TRP D 148 19.90 0.85 -21.30
C TRP D 148 20.64 1.85 -22.17
N LEU D 149 21.13 2.94 -21.58
CA LEU D 149 21.89 3.91 -22.33
C LEU D 149 23.17 3.31 -22.88
N ASN D 150 23.86 2.51 -22.07
CA ASN D 150 25.10 1.89 -22.54
C ASN D 150 24.84 0.91 -23.68
N VAL D 151 23.75 0.14 -23.60
CA VAL D 151 23.40 -0.80 -24.65
C VAL D 151 23.06 -0.05 -25.93
N LEU D 152 22.30 1.03 -25.82
CA LEU D 152 21.97 1.83 -27.01
C LEU D 152 23.24 2.40 -27.65
N THR D 153 24.16 2.92 -26.83
CA THR D 153 25.38 3.48 -27.38
C THR D 153 26.24 2.41 -28.04
N LEU D 154 26.35 1.24 -27.41
CA LEU D 154 27.15 0.16 -27.99
C LEU D 154 26.51 -0.37 -29.26
N ALA D 155 25.19 -0.51 -29.29
CA ALA D 155 24.49 -1.02 -30.45
C ALA D 155 23.26 -0.17 -30.77
N PRO E 706 -11.41 41.31 -29.20
CA PRO E 706 -11.82 40.32 -28.19
C PRO E 706 -11.31 40.65 -26.80
N TRP E 707 -12.12 41.37 -26.03
CA TRP E 707 -11.70 41.82 -24.71
C TRP E 707 -11.45 40.69 -23.73
N PHE E 708 -12.29 39.65 -23.73
CA PHE E 708 -12.15 38.56 -22.77
C PHE E 708 -11.24 37.45 -23.28
N GLU E 709 -11.13 37.26 -24.59
CA GLU E 709 -10.11 36.34 -25.10
C GLU E 709 -8.73 36.93 -24.98
N ARG E 710 -8.63 38.25 -24.84
CA ARG E 710 -7.33 38.91 -24.66
C ARG E 710 -6.65 38.44 -23.39
N LEU E 711 -7.37 38.45 -22.26
CA LEU E 711 -6.77 38.03 -21.01
C LEU E 711 -6.44 36.55 -21.01
N TRP E 712 -7.30 35.73 -21.63
CA TRP E 712 -7.02 34.30 -21.72
C TRP E 712 -5.75 34.05 -22.53
N TYR E 713 -5.58 34.78 -23.64
CA TYR E 713 -4.34 34.66 -24.40
C TYR E 713 -3.15 35.14 -23.58
N ALA E 714 -3.33 36.23 -22.81
CA ALA E 714 -2.23 36.78 -22.04
C ALA E 714 -1.74 35.80 -20.97
N LEU E 715 -2.66 35.17 -20.26
CA LEU E 715 -2.31 34.28 -19.15
C LEU E 715 -2.37 32.81 -19.51
N ALA E 716 -2.49 32.47 -20.80
CA ALA E 716 -2.62 31.06 -21.19
C ALA E 716 -1.40 30.24 -20.83
N ASN E 717 -0.20 30.79 -21.02
CA ASN E 717 1.03 30.03 -20.85
C ASN E 717 1.59 30.11 -19.43
N HIS E 718 0.85 30.69 -18.48
CA HIS E 718 1.35 30.91 -17.12
C HIS E 718 0.38 30.28 -16.12
N PRO E 719 0.52 28.99 -15.85
CA PRO E 719 -0.21 28.40 -14.71
C PRO E 719 0.33 28.85 -13.37
N ILE E 720 1.61 29.18 -13.28
CA ILE E 720 2.20 29.62 -12.01
C ILE E 720 1.55 30.93 -11.56
N LEU E 721 1.43 31.88 -12.48
CA LEU E 721 0.83 33.17 -12.15
C LEU E 721 -0.62 33.01 -11.73
N LEU E 722 -1.38 32.16 -12.45
CA LEU E 722 -2.78 31.95 -12.09
C LEU E 722 -2.90 31.27 -10.73
N ALA E 723 -1.99 30.33 -10.43
CA ALA E 723 -2.01 29.71 -9.12
C ALA E 723 -1.75 30.71 -8.00
N VAL E 724 -0.78 31.61 -8.22
CA VAL E 724 -0.50 32.62 -7.21
C VAL E 724 -1.69 33.56 -7.04
N LEU E 725 -2.30 33.98 -8.16
CA LEU E 725 -3.46 34.86 -8.08
C LEU E 725 -4.63 34.18 -7.38
N ALA E 726 -4.85 32.89 -7.65
CA ALA E 726 -5.91 32.16 -6.97
C ALA E 726 -5.64 32.04 -5.48
N ALA E 727 -4.39 31.79 -5.09
CA ALA E 727 -4.07 31.73 -3.67
C ALA E 727 -4.31 33.07 -3.00
N ILE E 728 -3.94 34.17 -3.67
CA ILE E 728 -4.18 35.49 -3.11
C ILE E 728 -5.68 35.74 -2.95
N SER E 729 -6.46 35.39 -3.96
CA SER E 729 -7.91 35.59 -3.88
C SER E 729 -8.52 34.75 -2.77
N VAL E 730 -8.05 33.51 -2.61
CA VAL E 730 -8.55 32.64 -1.55
C VAL E 730 -8.27 33.26 -0.18
N ILE E 731 -7.02 33.70 0.04
CA ILE E 731 -6.66 34.26 1.34
C ILE E 731 -7.46 35.53 1.62
N LEU E 732 -7.60 36.38 0.61
CA LEU E 732 -8.30 37.66 0.76
C LEU E 732 -9.78 37.45 1.08
N LEU E 733 -10.46 36.63 0.26
CA LEU E 733 -11.86 36.32 0.51
C LEU E 733 -12.06 35.61 1.84
N ALA E 734 -11.09 34.78 2.23
CA ALA E 734 -11.17 34.14 3.53
C ALA E 734 -11.07 35.17 4.65
N TRP E 735 -10.23 36.19 4.49
CA TRP E 735 -10.13 37.23 5.50
C TRP E 735 -11.46 37.97 5.66
N VAL E 736 -12.07 38.37 4.54
CA VAL E 736 -13.32 39.11 4.66
C VAL E 736 -14.41 38.23 5.25
N LEU E 737 -14.50 36.97 4.81
CA LEU E 737 -15.51 36.07 5.35
C LEU E 737 -15.27 35.79 6.83
N TRP E 738 -14.01 35.68 7.24
CA TRP E 738 -13.69 35.43 8.65
C TRP E 738 -14.08 36.62 9.50
N ARG E 739 -13.85 37.83 9.00
CA ARG E 739 -14.30 39.03 9.71
C ARG E 739 -15.82 39.04 9.87
N LEU E 740 -16.54 38.77 8.78
CA LEU E 740 -18.00 38.77 8.84
C LEU E 740 -18.51 37.71 9.80
N LEU E 741 -17.92 36.52 9.77
CA LEU E 741 -18.40 35.43 10.62
C LEU E 741 -18.06 35.69 12.08
N ARG E 742 -16.93 36.33 12.37
CA ARG E 742 -16.65 36.74 13.75
C ARG E 742 -17.67 37.77 14.23
N ILE E 743 -18.04 38.70 13.35
CA ILE E 743 -19.06 39.69 13.71
C ILE E 743 -20.38 39.00 14.05
N ILE E 744 -20.81 38.06 13.20
CA ILE E 744 -22.07 37.35 13.44
C ILE E 744 -21.97 36.48 14.69
N SER E 745 -20.82 35.87 14.93
CA SER E 745 -20.64 35.06 16.13
C SER E 745 -20.77 35.91 17.39
N ARG E 746 -20.18 37.11 17.38
CA ARG E 746 -20.36 38.00 18.52
C ARG E 746 -21.81 38.41 18.67
N ARG E 747 -22.49 38.66 17.55
CA ARG E 747 -23.89 39.08 17.62
C ARG E 747 -24.79 37.96 18.14
N ARG E 748 -24.42 36.70 17.93
CA ARG E 748 -25.28 35.61 18.37
C ARG E 748 -24.94 35.10 19.76
N LEU E 749 -23.66 35.06 20.11
CA LEU E 749 -23.27 34.59 21.44
C LEU E 749 -23.83 35.49 22.53
N ASN E 750 -23.79 36.80 22.30
CA ASN E 750 -24.30 37.76 23.27
C ASN E 750 -25.66 38.30 22.87
#